data_1BJO
#
_entry.id   1BJO
#
_cell.length_a   68.860
_cell.length_b   94.450
_cell.length_c   131.810
_cell.angle_alpha   90.00
_cell.angle_beta   90.00
_cell.angle_gamma   90.00
#
_symmetry.space_group_name_H-M   'P 21 21 21'
#
loop_
_entity.id
_entity.type
_entity.pdbx_description
1 polymer 'PHOSPHOSERINE AMINOTRANSFERASE'
2 polymer 'PHOSPHOSERINE AMINOTRANSFERASE'
3 non-polymer "PYRIDOXAL-5'-PHOSPHATE"
4 non-polymer 'ALPHA-METHYL-L-GLUTAMIC ACID'
5 water water
#
loop_
_entity_poly.entity_id
_entity_poly.type
_entity_poly.pdbx_seq_one_letter_code
_entity_poly.pdbx_strand_id
1 'polypeptide(L)'
;QIFNFSSGPAMLPAEVLKQAQQELRDWNGLGTSVMEVSHRGKEFIQVAEEAEKDFRDLLNVPSNYKVLFCHGGGRGQFAA
VPLNILGDKTTADYVDAGYWAASAIKEAKKYCTPNVFDAKVTVDGLRAVKPMREWQLSDNAAYMHYCPNETIDGIAIDET
PDFGADVVVAADFSSTILSRPIDVSRYGVIYAGAQKNIGPAGLTIVIVREDLLGKANIACPSILDYSILNDNGSMFNTPP
TFAWYLSGLVFKWLKANGGVAEMDKINQQKAELLYGVIDNSDFYRNDVAKRNRSRMNVPFQLADSALDKLFLEESFAAGL
HALKGHRVVGGMRASIYNAMPLEGVKALTDFMVEFERRHG
;
A
2 'polypeptide(L)'
;QIFNFSSGPAMLPAEVLKQAQQELRDWNGLGTSVMEVSHRGKEFIQVAEEAEKDFRDLLNVPSNYKVLFCHGGGRGQFAA
VPLNILGDKTTADYVDAGYWAASAIKEAKKYCTPNVFDAKVTVDGLRAVKPMREWQLSDNAAYMHYCPNETIDGIAIDET
PDFGADVVVAADFSSTILSRPIDVSRYGVIYAGAQ(LLP)NIGPAGLTIVIVREDLLGKANIACPSILDYSILNDNGSMF
NTPPTFAWYLSGLVFKWLKANGGVAEMDKINQQKAELLYGVIDNSDFYRNDVAKRNRSRMNVPFQLADSALDKLFLEESF
AAGLHALKGHRVVGGMRASIYNAMPLEGVKALTDFMVEFERRHG
;
B
#
loop_
_chem_comp.id
_chem_comp.type
_chem_comp.name
_chem_comp.formula
PLP non-polymer PYRIDOXAL-5'-PHOSPHATE 'C8 H10 N O6 P'
#
# COMPACT_ATOMS: atom_id res chain seq x y z
N GLN A 1 -6.62 -30.92 -3.75
CA GLN A 1 -6.39 -29.48 -3.38
C GLN A 1 -5.08 -28.92 -3.92
N ILE A 2 -4.90 -27.62 -3.71
CA ILE A 2 -3.71 -26.91 -4.17
C ILE A 2 -2.97 -26.34 -2.97
N PHE A 3 -1.65 -26.49 -3.02
CA PHE A 3 -0.78 -26.00 -1.97
C PHE A 3 0.20 -25.04 -2.60
N ASN A 4 0.06 -23.78 -2.24
CA ASN A 4 0.88 -22.69 -2.76
C ASN A 4 2.15 -22.45 -1.92
N PHE A 5 3.30 -22.77 -2.50
CA PHE A 5 4.56 -22.58 -1.79
C PHE A 5 5.26 -21.29 -2.16
N SER A 6 4.50 -20.33 -2.66
CA SER A 6 5.05 -19.04 -3.04
C SER A 6 5.65 -18.40 -1.80
N SER A 7 6.67 -17.58 -2.00
CA SER A 7 7.36 -16.93 -0.90
C SER A 7 6.93 -15.51 -0.57
N GLY A 8 6.01 -14.96 -1.35
CA GLY A 8 5.57 -13.60 -1.08
C GLY A 8 5.25 -12.83 -2.36
N PRO A 9 3.97 -12.49 -2.62
CA PRO A 9 2.78 -12.79 -1.80
C PRO A 9 2.66 -14.28 -1.50
N ALA A 10 2.13 -14.61 -0.33
CA ALA A 10 2.03 -16.01 0.06
C ALA A 10 0.62 -16.53 0.23
N MET A 11 0.52 -17.82 0.55
CA MET A 11 -0.76 -18.47 0.78
C MET A 11 -1.37 -17.90 2.07
N LEU A 12 -2.67 -17.65 2.03
CA LEU A 12 -3.38 -17.15 3.21
C LEU A 12 -4.22 -18.28 3.77
N PRO A 13 -4.55 -18.22 5.07
CA PRO A 13 -5.35 -19.27 5.69
C PRO A 13 -6.66 -19.43 4.92
N ALA A 14 -7.02 -20.67 4.65
CA ALA A 14 -8.25 -20.97 3.91
C ALA A 14 -9.50 -20.36 4.54
N GLU A 15 -9.58 -20.40 5.88
CA GLU A 15 -10.73 -19.85 6.60
C GLU A 15 -10.81 -18.36 6.41
N VAL A 16 -9.67 -17.70 6.58
CA VAL A 16 -9.60 -16.25 6.43
C VAL A 16 -10.11 -15.81 5.05
N LEU A 17 -9.68 -16.53 4.02
CA LEU A 17 -10.08 -16.22 2.65
C LEU A 17 -11.53 -16.56 2.34
N LYS A 18 -12.06 -17.61 2.97
CA LYS A 18 -13.44 -17.98 2.75
C LYS A 18 -14.29 -16.84 3.23
N GLN A 19 -13.96 -16.38 4.43
CA GLN A 19 -14.70 -15.32 5.07
C GLN A 19 -14.65 -14.04 4.29
N ALA A 20 -13.46 -13.60 3.95
CA ALA A 20 -13.26 -12.38 3.17
C ALA A 20 -14.13 -12.43 1.91
N GLN A 21 -14.21 -13.60 1.29
CA GLN A 21 -14.99 -13.79 0.09
C GLN A 21 -16.48 -13.62 0.31
N GLN A 22 -16.99 -14.27 1.37
CA GLN A 22 -18.40 -14.22 1.74
C GLN A 22 -18.92 -12.82 1.94
N GLU A 23 -18.24 -12.08 2.81
CA GLU A 23 -18.65 -10.72 3.11
C GLU A 23 -17.94 -9.68 2.24
N LEU A 24 -17.51 -10.08 1.05
CA LEU A 24 -16.80 -9.13 0.21
C LEU A 24 -17.69 -7.97 -0.18
N ARG A 25 -18.94 -8.26 -0.54
CA ARG A 25 -19.85 -7.19 -0.94
C ARG A 25 -20.80 -6.66 0.13
N ASP A 26 -20.93 -7.39 1.24
CA ASP A 26 -21.80 -6.98 2.33
C ASP A 26 -21.11 -7.31 3.65
N TRP A 27 -20.18 -6.44 4.02
CA TRP A 27 -19.42 -6.59 5.24
C TRP A 27 -20.13 -5.96 6.43
N ASN A 28 -20.35 -6.73 7.49
CA ASN A 28 -21.02 -6.21 8.69
C ASN A 28 -22.48 -5.80 8.51
N GLY A 29 -23.17 -6.44 7.56
CA GLY A 29 -24.55 -6.10 7.30
C GLY A 29 -24.70 -4.68 6.77
N LEU A 30 -23.58 -4.02 6.46
CA LEU A 30 -23.61 -2.67 5.95
C LEU A 30 -24.08 -2.58 4.52
N GLY A 31 -23.99 -3.69 3.78
CA GLY A 31 -24.41 -3.68 2.39
C GLY A 31 -23.33 -3.14 1.46
N THR A 32 -22.14 -2.85 2.01
CA THR A 32 -21.00 -2.37 1.24
C THR A 32 -19.79 -3.20 1.63
N SER A 33 -18.71 -3.04 0.87
CA SER A 33 -17.47 -3.75 1.12
C SER A 33 -16.64 -2.94 2.11
N VAL A 34 -15.69 -3.59 2.77
CA VAL A 34 -14.79 -2.91 3.69
C VAL A 34 -13.93 -1.94 2.85
N MET A 35 -13.73 -2.32 1.59
CA MET A 35 -12.95 -1.53 0.64
C MET A 35 -13.63 -0.23 0.24
N GLU A 36 -14.95 -0.19 0.38
CA GLU A 36 -15.74 0.98 0.01
C GLU A 36 -16.02 1.94 1.17
N VAL A 37 -15.79 1.47 2.40
CA VAL A 37 -15.99 2.25 3.62
C VAL A 37 -14.81 3.20 3.91
N SER A 38 -15.08 4.34 4.57
CA SER A 38 -14.03 5.30 4.92
C SER A 38 -13.23 4.86 6.16
N HIS A 39 -11.94 5.19 6.19
CA HIS A 39 -11.06 4.85 7.34
C HIS A 39 -11.35 5.71 8.59
N ARG A 40 -12.15 6.77 8.40
CA ARG A 40 -12.51 7.67 9.48
C ARG A 40 -13.81 7.18 10.13
N GLY A 41 -14.53 6.31 9.43
CA GLY A 41 -15.76 5.78 9.99
C GLY A 41 -15.49 4.90 11.19
N LYS A 42 -16.39 4.92 12.16
CA LYS A 42 -16.26 4.12 13.40
C LYS A 42 -16.16 2.61 13.13
N GLU A 43 -16.79 2.16 12.04
CA GLU A 43 -16.80 0.75 11.66
C GLU A 43 -15.38 0.25 11.46
N PHE A 44 -14.62 0.97 10.61
CA PHE A 44 -13.25 0.60 10.32
C PHE A 44 -12.31 0.81 11.48
N ILE A 45 -12.46 1.95 12.14
CA ILE A 45 -11.60 2.26 13.29
C ILE A 45 -11.65 1.13 14.32
N GLN A 46 -12.79 0.46 14.43
CA GLN A 46 -12.91 -0.64 15.38
C GLN A 46 -12.11 -1.83 14.87
N VAL A 47 -12.07 -2.00 13.56
CA VAL A 47 -11.33 -3.09 12.94
C VAL A 47 -9.83 -2.85 13.18
N ALA A 48 -9.42 -1.62 12.95
CA ALA A 48 -8.03 -1.20 13.11
C ALA A 48 -7.48 -1.34 14.53
N GLU A 49 -8.29 -1.00 15.53
CA GLU A 49 -7.86 -1.09 16.91
C GLU A 49 -7.83 -2.51 17.38
N GLU A 50 -8.83 -3.27 16.95
CA GLU A 50 -8.95 -4.67 17.31
C GLU A 50 -7.78 -5.39 16.71
N ALA A 51 -7.39 -4.97 15.51
CA ALA A 51 -6.27 -5.54 14.79
C ALA A 51 -4.99 -5.40 15.59
N GLU A 52 -4.73 -4.19 16.07
CA GLU A 52 -3.53 -3.91 16.87
C GLU A 52 -3.57 -4.64 18.20
N LYS A 53 -4.73 -4.67 18.84
CA LYS A 53 -4.86 -5.33 20.12
C LYS A 53 -4.54 -6.81 20.02
N ASP A 54 -5.09 -7.48 19.01
CA ASP A 54 -4.85 -8.89 18.80
C ASP A 54 -3.36 -9.11 18.58
N PHE A 55 -2.76 -8.29 17.71
CA PHE A 55 -1.34 -8.37 17.41
C PHE A 55 -0.47 -8.26 18.66
N ARG A 56 -0.84 -7.36 19.58
CA ARG A 56 -0.08 -7.18 20.82
C ARG A 56 -0.22 -8.38 21.73
N ASP A 57 -1.42 -8.96 21.77
CA ASP A 57 -1.66 -10.13 22.61
C ASP A 57 -0.83 -11.30 22.11
N LEU A 58 -0.75 -11.44 20.80
CA LEU A 58 -0.02 -12.52 20.14
C LEU A 58 1.46 -12.52 20.45
N LEU A 59 2.10 -11.36 20.39
CA LEU A 59 3.52 -11.28 20.67
C LEU A 59 3.90 -10.74 22.04
N ASN A 60 2.90 -10.44 22.89
CA ASN A 60 3.16 -9.89 24.22
C ASN A 60 4.03 -8.65 24.07
N VAL A 61 3.48 -7.66 23.37
CA VAL A 61 4.18 -6.41 23.13
C VAL A 61 3.90 -5.48 24.29
N PRO A 62 4.93 -5.18 25.09
CA PRO A 62 4.80 -4.28 26.24
C PRO A 62 4.42 -2.84 25.89
N SER A 63 3.73 -2.21 26.84
CA SER A 63 3.22 -0.84 26.75
C SER A 63 4.14 0.24 26.22
N ASN A 64 5.45 0.03 26.32
CA ASN A 64 6.38 1.04 25.85
C ASN A 64 6.75 0.94 24.38
N TYR A 65 6.05 0.07 23.66
CA TYR A 65 6.27 -0.12 22.23
C TYR A 65 5.04 0.29 21.44
N LYS A 66 5.22 1.09 20.40
CA LYS A 66 4.13 1.50 19.54
C LYS A 66 4.06 0.51 18.38
N VAL A 67 2.87 0.27 17.86
CA VAL A 67 2.70 -0.66 16.74
C VAL A 67 2.08 0.13 15.59
N LEU A 68 2.86 0.35 14.54
CA LEU A 68 2.42 1.12 13.39
C LEU A 68 2.08 0.28 12.16
N PHE A 69 1.19 0.80 11.29
CA PHE A 69 0.77 0.14 10.06
C PHE A 69 1.00 1.10 8.91
N CYS A 70 1.94 0.81 8.03
CA CYS A 70 2.21 1.73 6.94
C CYS A 70 2.38 1.17 5.56
N HIS A 71 2.52 2.08 4.59
CA HIS A 71 2.70 1.74 3.19
C HIS A 71 4.17 1.50 2.91
N GLY A 72 4.50 1.03 1.75
CA GLY A 72 5.90 0.86 1.37
C GLY A 72 6.56 -0.49 1.41
N GLY A 73 6.01 -1.43 2.18
CA GLY A 73 6.62 -2.74 2.28
C GLY A 73 7.94 -2.70 3.03
N GLY A 74 8.62 -3.84 3.07
CA GLY A 74 9.90 -3.94 3.74
C GLY A 74 10.98 -2.99 3.23
N ARG A 75 11.06 -2.77 1.91
CA ARG A 75 12.06 -1.89 1.32
C ARG A 75 11.81 -0.42 1.57
N GLY A 76 10.61 -0.11 2.04
CA GLY A 76 10.29 1.26 2.37
C GLY A 76 10.94 1.48 3.71
N GLN A 77 11.02 0.41 4.48
CA GLN A 77 11.63 0.43 5.80
C GLN A 77 13.14 0.50 5.82
N PHE A 78 13.78 0.08 4.72
CA PHE A 78 15.24 0.15 4.62
C PHE A 78 15.63 1.60 4.64
N ALA A 79 14.67 2.44 4.23
CA ALA A 79 14.85 3.88 4.20
C ALA A 79 14.31 4.51 5.48
N ALA A 80 13.15 4.04 5.92
CA ALA A 80 12.50 4.58 7.13
C ALA A 80 13.31 4.48 8.42
N VAL A 81 13.93 3.33 8.67
CA VAL A 81 14.73 3.16 9.88
C VAL A 81 15.82 4.24 9.96
N PRO A 82 16.67 4.36 8.92
CA PRO A 82 17.73 5.37 8.91
C PRO A 82 17.17 6.78 9.05
N LEU A 83 16.08 7.06 8.34
CA LEU A 83 15.48 8.37 8.39
C LEU A 83 14.89 8.71 9.75
N ASN A 84 14.42 7.69 10.47
CA ASN A 84 13.80 7.91 11.77
C ASN A 84 14.69 7.82 12.99
N ILE A 85 15.40 6.71 13.16
CA ILE A 85 16.23 6.54 14.33
C ILE A 85 17.72 6.82 14.22
N LEU A 86 18.16 7.39 13.11
CA LEU A 86 19.58 7.68 12.97
C LEU A 86 19.94 8.91 13.80
N GLY A 87 18.92 9.63 14.25
CA GLY A 87 19.13 10.83 15.06
C GLY A 87 20.07 11.83 14.42
N ASP A 88 21.04 12.26 15.20
CA ASP A 88 22.06 13.23 14.79
C ASP A 88 23.42 12.55 14.54
N LYS A 89 23.40 11.22 14.50
CA LYS A 89 24.60 10.43 14.24
C LYS A 89 24.85 10.23 12.74
N THR A 90 26.06 9.85 12.38
CA THR A 90 26.41 9.69 10.98
C THR A 90 26.74 8.26 10.56
N THR A 91 26.64 7.33 11.50
CA THR A 91 26.99 5.95 11.24
C THR A 91 26.11 4.92 12.00
N ALA A 92 25.92 3.74 11.42
CA ALA A 92 25.10 2.68 12.02
C ALA A 92 25.71 1.30 11.73
N ASP A 93 25.51 0.36 12.64
CA ASP A 93 26.04 -1.00 12.45
C ASP A 93 25.04 -1.82 11.63
N TYR A 94 25.54 -2.53 10.63
CA TYR A 94 24.69 -3.36 9.80
C TYR A 94 25.33 -4.72 9.67
N VAL A 95 24.58 -5.76 10.00
CA VAL A 95 25.10 -7.12 9.92
C VAL A 95 24.62 -7.84 8.66
N ASP A 96 25.56 -8.09 7.75
CA ASP A 96 25.26 -8.78 6.50
C ASP A 96 25.47 -10.28 6.68
N ALA A 97 24.43 -11.05 6.35
CA ALA A 97 24.48 -12.50 6.45
C ALA A 97 23.45 -13.04 5.47
N GLY A 98 23.14 -12.25 4.44
CA GLY A 98 22.16 -12.68 3.46
C GLY A 98 21.78 -11.56 2.51
N TYR A 99 20.95 -11.92 1.51
CA TYR A 99 20.49 -10.99 0.49
C TYR A 99 19.75 -9.75 1.02
N TRP A 100 18.80 -10.00 1.94
CA TRP A 100 18.02 -8.93 2.54
C TRP A 100 18.83 -8.09 3.50
N ALA A 101 19.72 -8.72 4.25
CA ALA A 101 20.54 -7.98 5.19
C ALA A 101 21.41 -7.01 4.38
N ALA A 102 21.82 -7.45 3.18
CA ALA A 102 22.65 -6.66 2.29
C ALA A 102 21.87 -5.55 1.60
N SER A 103 20.64 -5.86 1.17
CA SER A 103 19.80 -4.86 0.50
C SER A 103 19.54 -3.66 1.41
N ALA A 104 19.36 -3.92 2.70
CA ALA A 104 19.12 -2.88 3.68
C ALA A 104 20.33 -1.95 3.75
N ILE A 105 21.52 -2.54 3.70
CA ILE A 105 22.78 -1.79 3.75
C ILE A 105 22.90 -0.87 2.54
N LYS A 106 22.48 -1.38 1.39
CA LYS A 106 22.55 -0.63 0.15
C LYS A 106 21.73 0.68 0.21
N GLU A 107 20.55 0.61 0.83
CA GLU A 107 19.66 1.75 0.97
C GLU A 107 20.18 2.70 2.04
N ALA A 108 20.71 2.13 3.12
CA ALA A 108 21.25 2.92 4.22
C ALA A 108 22.36 3.87 3.78
N LYS A 109 23.12 3.46 2.75
CA LYS A 109 24.21 4.28 2.24
C LYS A 109 23.76 5.67 1.82
N LYS A 110 22.49 5.77 1.43
CA LYS A 110 21.88 7.03 1.02
C LYS A 110 21.82 8.00 2.19
N TYR A 111 21.75 7.46 3.40
CA TYR A 111 21.58 8.31 4.56
C TYR A 111 22.72 8.36 5.59
N CYS A 112 23.76 7.56 5.38
CA CYS A 112 24.87 7.55 6.32
C CYS A 112 25.97 6.66 5.77
N THR A 113 27.02 6.51 6.55
CA THR A 113 28.11 5.63 6.17
C THR A 113 27.95 4.50 7.18
N PRO A 114 27.37 3.38 6.72
CA PRO A 114 27.13 2.19 7.54
C PRO A 114 28.33 1.28 7.76
N ASN A 115 28.56 0.88 9.01
CA ASN A 115 29.66 -0.03 9.31
C ASN A 115 29.10 -1.43 9.04
N VAL A 116 29.62 -2.11 8.03
CA VAL A 116 29.12 -3.45 7.71
C VAL A 116 29.91 -4.54 8.40
N PHE A 117 29.22 -5.54 8.90
CA PHE A 117 29.87 -6.68 9.54
C PHE A 117 29.44 -7.92 8.76
N ASP A 118 30.40 -8.64 8.20
CA ASP A 118 30.10 -9.84 7.45
C ASP A 118 30.01 -11.02 8.41
N ALA A 119 28.79 -11.38 8.78
CA ALA A 119 28.56 -12.50 9.70
C ALA A 119 28.54 -13.86 9.01
N LYS A 120 28.68 -13.86 7.69
CA LYS A 120 28.67 -15.09 6.91
C LYS A 120 29.92 -15.93 7.10
N VAL A 121 29.71 -17.22 7.33
CA VAL A 121 30.82 -18.15 7.53
C VAL A 121 30.44 -19.55 7.03
N THR A 122 31.44 -20.29 6.55
CA THR A 122 31.19 -21.65 6.07
C THR A 122 31.83 -22.65 7.01
N VAL A 123 30.99 -23.49 7.60
CA VAL A 123 31.43 -24.51 8.54
C VAL A 123 31.08 -25.89 8.00
N ASP A 124 32.11 -26.73 7.79
CA ASP A 124 31.91 -28.10 7.28
C ASP A 124 31.27 -28.10 5.91
N GLY A 125 31.54 -27.03 5.14
CA GLY A 125 30.99 -26.89 3.80
C GLY A 125 29.55 -26.40 3.84
N LEU A 126 28.99 -26.31 5.05
CA LEU A 126 27.62 -25.86 5.25
C LEU A 126 27.61 -24.37 5.60
N ARG A 127 26.67 -23.64 5.00
CA ARG A 127 26.54 -22.21 5.25
C ARG A 127 25.95 -21.93 6.62
N ALA A 128 26.71 -21.21 7.42
CA ALA A 128 26.31 -20.85 8.78
C ALA A 128 26.54 -19.35 9.06
N VAL A 129 26.13 -18.91 10.25
CA VAL A 129 26.27 -17.52 10.66
C VAL A 129 27.00 -17.42 12.00
N LYS A 130 27.91 -16.45 12.11
CA LYS A 130 28.65 -16.25 13.35
C LYS A 130 27.69 -15.88 14.48
N PRO A 131 27.98 -16.38 15.69
CA PRO A 131 27.09 -16.09 16.82
C PRO A 131 27.21 -14.61 17.21
N MET A 132 26.12 -14.06 17.72
CA MET A 132 26.06 -12.66 18.13
C MET A 132 27.19 -12.22 19.05
N ARG A 133 27.63 -13.10 19.95
CA ARG A 133 28.70 -12.74 20.88
C ARG A 133 30.00 -12.38 20.12
N GLU A 134 30.07 -12.75 18.85
CA GLU A 134 31.25 -12.48 18.02
C GLU A 134 31.08 -11.32 17.05
N TRP A 135 29.94 -10.63 17.14
CA TRP A 135 29.65 -9.50 16.24
C TRP A 135 30.36 -8.20 16.65
N GLN A 136 31.00 -7.56 15.67
CA GLN A 136 31.72 -6.32 15.92
C GLN A 136 30.86 -5.07 15.78
N LEU A 137 30.52 -4.46 16.92
CA LEU A 137 29.74 -3.24 16.89
C LEU A 137 30.68 -2.07 17.13
N SER A 138 30.31 -0.89 16.63
CA SER A 138 31.13 0.31 16.83
C SER A 138 30.58 1.16 17.99
N ASP A 139 31.35 2.14 18.45
CA ASP A 139 30.94 2.97 19.59
C ASP A 139 29.92 4.06 19.29
N ASN A 140 30.19 4.85 18.26
CA ASN A 140 29.30 5.95 17.90
C ASN A 140 27.96 5.53 17.27
N ALA A 141 27.89 4.32 16.72
CA ALA A 141 26.67 3.84 16.03
C ALA A 141 25.32 4.19 16.66
N ALA A 142 24.41 4.68 15.82
CA ALA A 142 23.07 5.07 16.26
C ALA A 142 22.18 3.86 16.56
N TYR A 143 22.51 2.73 15.94
CA TYR A 143 21.78 1.47 16.10
C TYR A 143 22.48 0.37 15.31
N MET A 144 22.06 -0.86 15.57
CA MET A 144 22.61 -2.01 14.87
C MET A 144 21.43 -2.65 14.14
N HIS A 145 21.64 -3.01 12.87
CA HIS A 145 20.58 -3.60 12.06
C HIS A 145 20.92 -5.00 11.55
N TYR A 146 19.94 -5.89 11.53
CA TYR A 146 20.15 -7.24 11.01
C TYR A 146 18.82 -7.85 10.57
N CYS A 147 18.90 -8.97 9.87
CA CYS A 147 17.72 -9.66 9.40
C CYS A 147 17.71 -11.11 9.91
N PRO A 148 16.88 -11.41 10.91
CA PRO A 148 16.77 -12.75 11.51
C PRO A 148 16.31 -13.88 10.58
N ASN A 149 15.83 -13.53 9.39
CA ASN A 149 15.39 -14.55 8.47
C ASN A 149 15.52 -14.17 7.00
N GLU A 150 16.54 -14.72 6.35
CA GLU A 150 16.82 -14.48 4.94
C GLU A 150 15.95 -15.40 4.10
N THR A 151 14.96 -14.80 3.45
CA THR A 151 13.96 -15.52 2.64
C THR A 151 14.49 -16.27 1.41
N ILE A 152 15.51 -15.71 0.78
CA ILE A 152 16.10 -16.31 -0.40
C ILE A 152 17.17 -17.34 -0.06
N ASP A 153 17.98 -17.02 0.94
CA ASP A 153 19.08 -17.89 1.36
C ASP A 153 18.70 -19.08 2.20
N GLY A 154 17.57 -18.98 2.92
CA GLY A 154 17.12 -20.04 3.80
C GLY A 154 17.90 -20.05 5.10
N ILE A 155 18.47 -18.90 5.43
CA ILE A 155 19.27 -18.69 6.65
C ILE A 155 18.43 -18.01 7.73
N ALA A 156 18.58 -18.49 8.96
CA ALA A 156 17.85 -17.94 10.09
C ALA A 156 18.78 -17.76 11.30
N ILE A 157 18.64 -16.65 12.00
CA ILE A 157 19.40 -16.37 13.21
C ILE A 157 18.35 -16.27 14.33
N ASP A 158 18.23 -17.33 15.13
CA ASP A 158 17.24 -17.38 16.21
C ASP A 158 17.71 -16.86 17.56
N GLU A 159 19.02 -16.62 17.65
CA GLU A 159 19.67 -16.13 18.84
C GLU A 159 19.00 -14.85 19.33
N THR A 160 18.77 -14.75 20.63
CA THR A 160 18.17 -13.55 21.18
C THR A 160 19.29 -12.53 21.45
N PRO A 161 19.09 -11.28 21.00
CA PRO A 161 20.07 -10.19 21.19
C PRO A 161 20.30 -9.94 22.67
N ASP A 162 21.53 -9.64 23.04
CA ASP A 162 21.87 -9.39 24.43
C ASP A 162 23.01 -8.39 24.58
N PHE A 163 23.06 -7.42 23.67
CA PHE A 163 24.12 -6.41 23.72
C PHE A 163 23.75 -5.40 24.81
N GLY A 164 24.57 -4.35 24.92
CA GLY A 164 24.31 -3.32 25.94
C GLY A 164 22.96 -2.61 25.86
N ALA A 165 22.46 -2.17 27.01
CA ALA A 165 21.19 -1.42 27.06
C ALA A 165 21.39 -0.19 26.18
N ASP A 166 22.66 0.16 25.95
CA ASP A 166 23.07 1.27 25.12
C ASP A 166 22.86 1.01 23.63
N VAL A 167 22.87 -0.27 23.24
CA VAL A 167 22.68 -0.65 21.84
C VAL A 167 21.20 -0.76 21.42
N VAL A 168 20.89 -0.18 20.26
CA VAL A 168 19.54 -0.21 19.71
C VAL A 168 19.47 -1.20 18.55
N VAL A 169 18.72 -2.27 18.73
CA VAL A 169 18.59 -3.29 17.69
C VAL A 169 17.38 -3.07 16.78
N ALA A 170 17.62 -3.06 15.48
CA ALA A 170 16.57 -2.90 14.47
C ALA A 170 16.62 -4.19 13.67
N ALA A 171 15.47 -4.80 13.43
CA ALA A 171 15.45 -6.07 12.71
C ALA A 171 14.36 -6.21 11.65
N ASP A 172 14.66 -7.01 10.63
CA ASP A 172 13.75 -7.24 9.52
C ASP A 172 13.11 -8.62 9.67
N PHE A 173 11.95 -8.66 10.32
CA PHE A 173 11.24 -9.92 10.53
C PHE A 173 10.20 -10.22 9.47
N SER A 174 10.34 -9.62 8.28
CA SER A 174 9.34 -9.81 7.23
C SER A 174 8.85 -11.23 6.96
N SER A 175 9.78 -12.18 6.91
CA SER A 175 9.47 -13.58 6.61
C SER A 175 9.49 -14.56 7.77
N THR A 176 9.50 -14.06 9.01
CA THR A 176 9.50 -14.96 10.13
C THR A 176 8.56 -14.58 11.27
N ILE A 177 8.17 -13.31 11.34
CA ILE A 177 7.29 -12.86 12.42
C ILE A 177 6.03 -13.72 12.58
N LEU A 178 5.68 -13.98 13.84
CA LEU A 178 4.52 -14.78 14.24
C LEU A 178 4.71 -16.28 14.04
N SER A 179 5.94 -16.68 13.72
CA SER A 179 6.26 -18.10 13.51
C SER A 179 6.71 -18.72 14.83
N ARG A 180 7.34 -17.92 15.68
CA ARG A 180 7.78 -18.39 17.00
C ARG A 180 7.71 -17.19 17.94
N PRO A 181 7.51 -17.43 19.26
CA PRO A 181 7.44 -16.35 20.25
C PRO A 181 8.79 -15.68 20.43
N ILE A 182 8.79 -14.35 20.53
CA ILE A 182 10.02 -13.60 20.69
C ILE A 182 9.89 -12.55 21.79
N ASP A 183 11.03 -12.17 22.36
CA ASP A 183 11.10 -11.19 23.43
C ASP A 183 11.31 -9.82 22.79
N VAL A 184 10.20 -9.14 22.56
CA VAL A 184 10.20 -7.83 21.93
C VAL A 184 11.05 -6.80 22.66
N SER A 185 11.10 -6.88 23.99
CA SER A 185 11.86 -5.94 24.81
C SER A 185 13.33 -5.80 24.45
N ARG A 186 13.88 -6.80 23.76
CA ARG A 186 15.28 -6.78 23.35
C ARG A 186 15.53 -5.86 22.17
N TYR A 187 14.48 -5.60 21.40
CA TYR A 187 14.59 -4.77 20.21
C TYR A 187 14.16 -3.32 20.36
N GLY A 188 14.68 -2.49 19.45
CA GLY A 188 14.33 -1.10 19.42
C GLY A 188 13.30 -0.93 18.31
N VAL A 189 13.55 -1.58 17.18
CA VAL A 189 12.65 -1.54 16.03
C VAL A 189 12.53 -2.91 15.39
N ILE A 190 11.31 -3.32 15.09
CA ILE A 190 11.02 -4.60 14.45
C ILE A 190 10.04 -4.27 13.32
N TYR A 191 10.42 -4.52 12.09
CA TYR A 191 9.52 -4.25 10.99
C TYR A 191 9.30 -5.50 10.17
N ALA A 192 8.20 -5.53 9.43
CA ALA A 192 7.86 -6.69 8.63
C ALA A 192 6.72 -6.47 7.66
N GLY A 193 6.97 -6.75 6.38
CA GLY A 193 5.96 -6.65 5.35
C GLY A 193 4.98 -7.79 5.59
N ALA A 194 3.70 -7.52 5.39
CA ALA A 194 2.63 -8.49 5.63
C ALA A 194 2.47 -9.65 4.66
N GLN A 195 2.90 -9.45 3.42
CA GLN A 195 2.76 -10.47 2.36
C GLN A 195 3.40 -11.85 2.56
N LYS A 196 4.27 -12.00 3.55
CA LYS A 196 4.91 -13.28 3.83
C LYS A 196 4.15 -14.12 4.82
N ASN A 197 4.25 -13.75 6.09
CA ASN A 197 3.61 -14.54 7.14
C ASN A 197 2.35 -13.97 7.79
N ILE A 198 2.01 -12.72 7.51
CA ILE A 198 0.80 -12.16 8.09
C ILE A 198 -0.30 -12.27 7.04
N GLY A 199 -0.58 -11.16 6.35
CA GLY A 199 -1.62 -11.13 5.35
C GLY A 199 -1.20 -10.85 3.93
N PRO A 200 -1.88 -9.87 3.30
CA PRO A 200 -1.64 -9.45 1.91
C PRO A 200 -0.60 -8.37 1.75
N ALA A 201 -0.21 -8.15 0.50
CA ALA A 201 0.79 -7.16 0.15
C ALA A 201 0.17 -5.78 0.28
N GLY A 202 1.01 -4.77 0.49
CA GLY A 202 0.53 -3.39 0.60
C GLY A 202 0.63 -2.81 1.99
N LEU A 203 0.57 -3.67 3.00
CA LEU A 203 0.66 -3.26 4.39
C LEU A 203 2.00 -3.67 4.99
N THR A 204 2.47 -2.89 5.95
CA THR A 204 3.72 -3.18 6.63
C THR A 204 3.53 -2.85 8.11
N ILE A 205 4.01 -3.74 8.97
CA ILE A 205 3.89 -3.56 10.41
C ILE A 205 5.24 -3.22 11.02
N VAL A 206 5.25 -2.21 11.89
CA VAL A 206 6.45 -1.76 12.56
C VAL A 206 6.22 -1.68 14.06
N ILE A 207 7.20 -2.11 14.84
CA ILE A 207 7.11 -2.07 16.30
C ILE A 207 8.27 -1.20 16.74
N VAL A 208 7.96 -0.02 17.27
CA VAL A 208 8.98 0.92 17.72
C VAL A 208 8.96 1.13 19.23
N ARG A 209 10.13 1.28 19.84
CA ARG A 209 10.20 1.55 21.27
C ARG A 209 9.97 3.06 21.35
N GLU A 210 9.03 3.48 22.20
CA GLU A 210 8.65 4.89 22.32
C GLU A 210 9.71 5.97 22.46
N ASP A 211 10.78 5.68 23.18
CA ASP A 211 11.85 6.65 23.38
C ASP A 211 12.68 6.93 22.12
N LEU A 212 12.42 6.17 21.07
CA LEU A 212 13.14 6.33 19.80
C LEU A 212 12.44 7.34 18.88
N LEU A 213 11.24 7.74 19.24
CA LEU A 213 10.49 8.70 18.44
C LEU A 213 10.97 10.13 18.66
N GLY A 214 10.62 11.01 17.74
CA GLY A 214 10.99 12.41 17.86
C GLY A 214 12.37 12.76 17.42
N LYS A 215 13.02 11.85 16.70
CA LYS A 215 14.38 12.08 16.18
C LYS A 215 14.40 12.16 14.67
N ALA A 216 13.30 11.77 14.04
CA ALA A 216 13.18 11.75 12.58
C ALA A 216 13.83 12.91 11.83
N ASN A 217 14.53 12.56 10.75
CA ASN A 217 15.20 13.53 9.89
C ASN A 217 14.12 14.37 9.22
N ILE A 218 14.42 15.63 8.97
CA ILE A 218 13.45 16.51 8.34
C ILE A 218 13.10 16.05 6.93
N ALA A 219 14.03 15.34 6.31
CA ALA A 219 13.85 14.85 4.96
C ALA A 219 12.90 13.66 4.87
N CYS A 220 12.63 13.00 5.99
CA CYS A 220 11.74 11.85 5.99
C CYS A 220 10.33 12.21 5.56
N PRO A 221 9.81 11.57 4.51
CA PRO A 221 8.45 11.87 4.05
C PRO A 221 7.52 11.61 5.22
N SER A 222 6.54 12.48 5.43
CA SER A 222 5.63 12.30 6.55
C SER A 222 4.98 10.93 6.66
N ILE A 223 4.64 10.29 5.55
CA ILE A 223 4.01 8.97 5.62
C ILE A 223 4.92 7.89 6.20
N LEU A 224 6.22 8.20 6.29
CA LEU A 224 7.20 7.26 6.83
C LEU A 224 7.68 7.65 8.22
N ASP A 225 7.40 8.89 8.62
CA ASP A 225 7.77 9.44 9.92
C ASP A 225 7.03 8.67 11.02
N TYR A 226 7.78 7.95 11.83
CA TYR A 226 7.21 7.15 12.92
C TYR A 226 6.38 7.97 13.88
N SER A 227 6.88 9.16 14.23
CA SER A 227 6.22 10.07 15.15
C SER A 227 4.87 10.51 14.59
N ILE A 228 4.85 10.86 13.30
CA ILE A 228 3.62 11.29 12.61
C ILE A 228 2.62 10.13 12.60
N LEU A 229 3.09 8.95 12.25
CA LEU A 229 2.23 7.77 12.20
C LEU A 229 1.66 7.43 13.57
N ASN A 230 2.48 7.55 14.61
CA ASN A 230 2.03 7.25 15.97
C ASN A 230 0.99 8.25 16.45
N ASP A 231 1.25 9.54 16.24
CA ASP A 231 0.34 10.61 16.62
C ASP A 231 -1.03 10.53 15.97
N ASN A 232 -1.08 9.96 14.77
CA ASN A 232 -2.31 9.81 14.02
C ASN A 232 -2.88 8.40 14.04
N GLY A 233 -2.31 7.54 14.88
CA GLY A 233 -2.78 6.17 15.00
C GLY A 233 -2.72 5.40 13.70
N SER A 234 -1.62 5.59 12.97
CA SER A 234 -1.36 4.96 11.68
C SER A 234 -2.38 5.42 10.66
N MET A 235 -3.01 6.54 10.96
CA MET A 235 -4.03 7.07 10.09
C MET A 235 -3.79 8.51 9.69
N PHE A 236 -2.54 8.78 9.34
CA PHE A 236 -2.13 10.10 8.87
C PHE A 236 -2.79 10.34 7.50
N ASN A 237 -2.79 9.31 6.65
CA ASN A 237 -3.42 9.39 5.33
C ASN A 237 -4.22 8.10 5.13
N THR A 238 -4.93 7.96 4.02
CA THR A 238 -5.71 6.75 3.79
C THR A 238 -4.77 5.54 3.80
N PRO A 239 -5.03 4.56 4.67
CA PRO A 239 -4.16 3.38 4.72
C PRO A 239 -4.71 2.28 3.80
N PRO A 240 -3.99 1.15 3.69
CA PRO A 240 -4.46 0.05 2.84
C PRO A 240 -5.56 -0.64 3.67
N THR A 241 -6.78 -0.10 3.60
CA THR A 241 -7.89 -0.62 4.39
C THR A 241 -8.20 -2.10 4.24
N PHE A 242 -8.21 -2.61 3.01
CA PHE A 242 -8.49 -4.03 2.83
C PHE A 242 -7.38 -4.88 3.45
N ALA A 243 -6.12 -4.47 3.24
CA ALA A 243 -4.98 -5.21 3.77
C ALA A 243 -5.05 -5.27 5.29
N TRP A 244 -5.30 -4.12 5.92
CA TRP A 244 -5.40 -4.03 7.37
C TRP A 244 -6.52 -4.94 7.88
N TYR A 245 -7.61 -4.98 7.13
CA TYR A 245 -8.74 -5.81 7.48
C TYR A 245 -8.36 -7.30 7.47
N LEU A 246 -7.72 -7.77 6.39
CA LEU A 246 -7.33 -9.16 6.32
C LEU A 246 -6.36 -9.54 7.42
N SER A 247 -5.41 -8.66 7.71
CA SER A 247 -4.45 -8.92 8.76
C SER A 247 -5.20 -9.17 10.05
N GLY A 248 -6.28 -8.41 10.25
CA GLY A 248 -7.10 -8.57 11.44
C GLY A 248 -7.69 -9.96 11.53
N LEU A 249 -8.19 -10.45 10.39
CA LEU A 249 -8.78 -11.78 10.33
C LEU A 249 -7.74 -12.85 10.63
N VAL A 250 -6.52 -12.63 10.15
CA VAL A 250 -5.43 -13.57 10.35
C VAL A 250 -5.07 -13.64 11.83
N PHE A 251 -4.95 -12.47 12.46
CA PHE A 251 -4.61 -12.40 13.86
C PHE A 251 -5.63 -13.15 14.70
N LYS A 252 -6.89 -13.08 14.29
CA LYS A 252 -7.95 -13.77 14.99
C LYS A 252 -7.83 -15.25 14.78
N TRP A 253 -7.52 -15.63 13.55
CA TRP A 253 -7.35 -17.04 13.18
C TRP A 253 -6.25 -17.66 14.03
N LEU A 254 -5.21 -16.88 14.32
CA LEU A 254 -4.09 -17.31 15.14
C LEU A 254 -4.49 -17.56 16.58
N LYS A 255 -5.13 -16.57 17.22
CA LYS A 255 -5.55 -16.73 18.61
C LYS A 255 -6.50 -17.93 18.70
N ALA A 256 -7.32 -18.07 17.67
CA ALA A 256 -8.31 -19.16 17.59
C ALA A 256 -7.64 -20.52 17.51
N ASN A 257 -6.42 -20.55 16.99
CA ASN A 257 -5.69 -21.81 16.84
C ASN A 257 -4.58 -22.05 17.84
N GLY A 258 -4.54 -21.28 18.93
CA GLY A 258 -3.52 -21.50 19.94
C GLY A 258 -2.39 -20.50 20.06
N GLY A 259 -2.48 -19.41 19.31
CA GLY A 259 -1.44 -18.40 19.37
C GLY A 259 -0.15 -18.84 18.75
N VAL A 260 0.87 -18.00 18.94
CA VAL A 260 2.23 -18.21 18.44
C VAL A 260 2.95 -19.45 19.03
N ALA A 261 2.53 -19.86 20.21
CA ALA A 261 3.11 -21.01 20.88
C ALA A 261 2.72 -22.31 20.19
N GLU A 262 1.49 -22.37 19.70
CA GLU A 262 1.01 -23.55 19.02
C GLU A 262 1.54 -23.56 17.61
N MET A 263 1.64 -22.38 17.02
CA MET A 263 2.13 -22.21 15.68
C MET A 263 3.60 -22.67 15.65
N ASP A 264 4.34 -22.28 16.67
CA ASP A 264 5.75 -22.63 16.80
C ASP A 264 5.90 -24.15 16.82
N LYS A 265 4.98 -24.78 17.55
CA LYS A 265 4.93 -26.23 17.71
C LYS A 265 4.69 -26.95 16.39
N ILE A 266 3.78 -26.41 15.58
CA ILE A 266 3.43 -26.97 14.27
C ILE A 266 4.50 -26.68 13.24
N ASN A 267 5.03 -25.45 13.28
CA ASN A 267 6.08 -25.02 12.37
C ASN A 267 7.31 -25.91 12.52
N GLN A 268 7.54 -26.37 13.75
CA GLN A 268 8.67 -27.23 14.06
C GLN A 268 8.51 -28.59 13.38
N GLN A 269 7.31 -29.16 13.43
CA GLN A 269 7.12 -30.46 12.82
C GLN A 269 6.95 -30.45 11.31
N LYS A 270 6.75 -29.25 10.77
CA LYS A 270 6.66 -29.08 9.33
C LYS A 270 8.10 -29.00 8.81
N ALA A 271 8.95 -28.28 9.55
CA ALA A 271 10.35 -28.10 9.19
C ALA A 271 11.12 -29.40 9.32
N GLU A 272 10.89 -30.12 10.40
CA GLU A 272 11.57 -31.38 10.63
C GLU A 272 11.20 -32.41 9.58
N LEU A 273 9.92 -32.46 9.21
CA LEU A 273 9.47 -33.41 8.21
C LEU A 273 10.21 -33.18 6.89
N LEU A 274 10.16 -31.94 6.41
CA LEU A 274 10.80 -31.55 5.16
C LEU A 274 12.31 -31.72 5.18
N TYR A 275 12.99 -31.12 6.15
CA TYR A 275 14.44 -31.23 6.25
C TYR A 275 14.86 -32.67 6.46
N GLY A 276 13.95 -33.48 6.98
CA GLY A 276 14.24 -34.89 7.22
C GLY A 276 14.32 -35.61 5.88
N VAL A 277 13.39 -35.28 4.99
CA VAL A 277 13.36 -35.88 3.67
C VAL A 277 14.61 -35.47 2.87
N ILE A 278 14.97 -34.20 2.95
CA ILE A 278 16.13 -33.70 2.20
C ILE A 278 17.46 -34.29 2.66
N ASP A 279 17.64 -34.39 3.97
CA ASP A 279 18.88 -34.93 4.51
C ASP A 279 19.03 -36.42 4.26
N ASN A 280 17.93 -37.15 4.37
CA ASN A 280 17.94 -38.59 4.16
C ASN A 280 17.99 -39.03 2.69
N SER A 281 17.87 -38.06 1.78
CA SER A 281 17.92 -38.35 0.35
C SER A 281 19.19 -37.84 -0.25
N ASP A 282 19.63 -38.55 -1.28
CA ASP A 282 20.83 -38.14 -1.98
C ASP A 282 20.48 -37.22 -3.15
N PHE A 283 19.25 -37.38 -3.63
CA PHE A 283 18.76 -36.60 -4.74
C PHE A 283 18.58 -35.12 -4.41
N TYR A 284 18.08 -34.82 -3.22
CA TYR A 284 17.86 -33.43 -2.81
C TYR A 284 18.94 -33.04 -1.83
N ARG A 285 19.25 -31.75 -1.78
CA ARG A 285 20.25 -31.28 -0.85
C ARG A 285 20.17 -29.79 -0.54
N ASN A 286 20.23 -29.49 0.76
CA ASN A 286 20.20 -28.15 1.30
C ASN A 286 21.59 -27.98 1.91
N ASP A 287 22.24 -26.84 1.70
CA ASP A 287 23.57 -26.64 2.25
C ASP A 287 23.64 -25.60 3.35
N VAL A 288 22.71 -25.67 4.30
CA VAL A 288 22.71 -24.73 5.42
C VAL A 288 22.87 -25.50 6.74
N ALA A 289 23.71 -24.95 7.63
CA ALA A 289 23.96 -25.55 8.94
C ALA A 289 22.68 -25.70 9.76
N LYS A 290 22.53 -26.80 10.48
CA LYS A 290 21.34 -27.04 11.30
C LYS A 290 21.04 -25.86 12.23
N ARG A 291 22.09 -25.26 12.80
CA ARG A 291 21.94 -24.13 13.71
C ARG A 291 21.35 -22.89 13.01
N ASN A 292 21.45 -22.83 11.69
CA ASN A 292 20.92 -21.67 10.97
C ASN A 292 19.85 -21.97 9.92
N ARG A 293 19.21 -23.13 9.99
CA ARG A 293 18.18 -23.48 9.04
C ARG A 293 16.83 -22.83 9.31
N SER A 294 16.38 -22.02 8.35
CA SER A 294 15.09 -21.35 8.47
C SER A 294 13.96 -22.38 8.40
N ARG A 295 12.92 -22.17 9.19
CA ARG A 295 11.76 -23.08 9.20
C ARG A 295 10.65 -22.53 8.31
N MET A 296 10.85 -21.31 7.83
CA MET A 296 9.89 -20.63 6.98
C MET A 296 10.21 -20.82 5.50
N ASN A 297 11.46 -20.59 5.15
CA ASN A 297 11.92 -20.73 3.78
C ASN A 297 12.95 -21.82 3.70
N VAL A 298 12.68 -22.82 2.86
CA VAL A 298 13.57 -23.96 2.72
C VAL A 298 14.00 -24.17 1.26
N PRO A 299 15.21 -23.70 0.92
CA PRO A 299 15.74 -23.84 -0.44
C PRO A 299 16.44 -25.18 -0.59
N PHE A 300 16.34 -25.78 -1.77
CA PHE A 300 17.01 -27.05 -2.02
C PHE A 300 17.32 -27.22 -3.50
N GLN A 301 18.50 -27.77 -3.77
CA GLN A 301 18.97 -28.02 -5.12
C GLN A 301 18.74 -29.49 -5.43
N LEU A 302 18.57 -29.82 -6.70
CA LEU A 302 18.44 -31.21 -7.10
C LEU A 302 19.85 -31.69 -7.40
N ALA A 303 20.08 -33.00 -7.31
CA ALA A 303 21.39 -33.56 -7.60
C ALA A 303 21.68 -33.36 -9.08
N ASP A 304 20.62 -33.49 -9.88
CA ASP A 304 20.73 -33.30 -11.31
C ASP A 304 19.86 -32.14 -11.73
N SER A 305 20.48 -30.99 -11.92
CA SER A 305 19.76 -29.80 -12.32
C SER A 305 19.03 -29.89 -13.67
N ALA A 306 19.35 -30.91 -14.47
CA ALA A 306 18.69 -31.11 -15.77
C ALA A 306 17.24 -31.51 -15.60
N LEU A 307 16.90 -31.94 -14.38
CA LEU A 307 15.54 -32.36 -14.05
C LEU A 307 14.69 -31.25 -13.44
N ASP A 308 15.29 -30.07 -13.25
CA ASP A 308 14.61 -28.92 -12.67
C ASP A 308 13.28 -28.65 -13.36
N LYS A 309 13.34 -28.55 -14.69
CA LYS A 309 12.16 -28.29 -15.50
C LYS A 309 11.04 -29.31 -15.26
N LEU A 310 11.40 -30.59 -15.24
CA LEU A 310 10.44 -31.68 -15.04
C LEU A 310 9.89 -31.69 -13.61
N PHE A 311 10.71 -31.32 -12.66
CA PHE A 311 10.31 -31.28 -11.27
C PHE A 311 9.20 -30.27 -11.11
N LEU A 312 9.37 -29.13 -11.78
CA LEU A 312 8.41 -28.05 -11.74
C LEU A 312 7.10 -28.36 -12.45
N GLU A 313 7.19 -29.08 -13.56
CA GLU A 313 5.98 -29.46 -14.30
C GLU A 313 5.16 -30.47 -13.51
N GLU A 314 5.83 -31.51 -13.05
CA GLU A 314 5.18 -32.56 -12.28
C GLU A 314 4.65 -32.10 -10.92
N SER A 315 5.40 -31.23 -10.25
CA SER A 315 4.98 -30.73 -8.94
C SER A 315 3.76 -29.85 -9.12
N PHE A 316 3.76 -29.07 -10.19
CA PHE A 316 2.63 -28.20 -10.48
C PHE A 316 1.37 -29.00 -10.80
N ALA A 317 1.50 -30.03 -11.63
CA ALA A 317 0.37 -30.87 -12.00
C ALA A 317 -0.19 -31.57 -10.76
N ALA A 318 0.70 -31.82 -9.80
CA ALA A 318 0.34 -32.48 -8.55
C ALA A 318 -0.33 -31.52 -7.59
N GLY A 319 -0.48 -30.26 -8.01
CA GLY A 319 -1.11 -29.26 -7.17
C GLY A 319 -0.20 -28.61 -6.17
N LEU A 320 1.09 -28.53 -6.49
CA LEU A 320 2.11 -27.91 -5.63
C LEU A 320 2.72 -26.75 -6.43
N HIS A 321 2.23 -25.55 -6.16
CA HIS A 321 2.66 -24.36 -6.88
C HIS A 321 3.83 -23.59 -6.30
N ALA A 322 4.43 -22.76 -7.16
CA ALA A 322 5.51 -21.88 -6.79
C ALA A 322 6.77 -22.42 -6.16
N LEU A 323 7.13 -23.65 -6.49
CA LEU A 323 8.34 -24.29 -5.94
C LEU A 323 9.68 -23.82 -6.50
N LYS A 324 9.66 -22.96 -7.51
CA LYS A 324 10.89 -22.50 -8.11
C LYS A 324 11.70 -21.65 -7.16
N GLY A 325 13.01 -21.90 -7.15
CA GLY A 325 13.90 -21.14 -6.30
C GLY A 325 14.03 -19.72 -6.81
N HIS A 326 14.77 -18.89 -6.10
CA HIS A 326 14.95 -17.53 -6.54
C HIS A 326 15.94 -17.45 -7.66
N ARG A 327 15.76 -16.42 -8.48
CA ARG A 327 16.60 -16.16 -9.64
C ARG A 327 18.09 -16.15 -9.25
N VAL A 328 18.42 -15.36 -8.22
CA VAL A 328 19.80 -15.22 -7.77
C VAL A 328 20.52 -16.51 -7.29
N VAL A 329 19.76 -17.42 -6.68
CA VAL A 329 20.34 -18.67 -6.17
C VAL A 329 20.08 -19.87 -7.09
N GLY A 330 18.92 -19.88 -7.74
CA GLY A 330 18.53 -20.98 -8.61
C GLY A 330 17.97 -22.13 -7.78
N GLY A 331 17.77 -23.30 -8.37
CA GLY A 331 17.26 -24.40 -7.59
C GLY A 331 15.78 -24.31 -7.26
N MET A 332 15.41 -24.85 -6.11
CA MET A 332 14.04 -24.87 -5.65
C MET A 332 13.92 -24.17 -4.29
N ARG A 333 12.69 -23.87 -3.89
CA ARG A 333 12.43 -23.24 -2.61
C ARG A 333 10.98 -23.41 -2.18
N ALA A 334 10.79 -24.08 -1.06
CA ALA A 334 9.48 -24.28 -0.52
C ALA A 334 9.36 -23.34 0.65
N SER A 335 8.37 -22.45 0.59
CA SER A 335 8.11 -21.52 1.67
C SER A 335 6.91 -22.11 2.38
N ILE A 336 7.12 -22.44 3.65
CA ILE A 336 6.08 -23.06 4.46
C ILE A 336 5.68 -22.21 5.67
N TYR A 337 5.04 -21.08 5.38
CA TYR A 337 4.59 -20.15 6.41
C TYR A 337 3.46 -20.69 7.30
N ASN A 338 3.01 -19.87 8.25
CA ASN A 338 1.96 -20.28 9.17
C ASN A 338 0.74 -20.86 8.47
N ALA A 339 0.35 -20.22 7.36
CA ALA A 339 -0.81 -20.65 6.59
C ALA A 339 -0.67 -22.03 5.96
N MET A 340 0.56 -22.46 5.71
CA MET A 340 0.82 -23.78 5.12
C MET A 340 0.63 -24.86 6.16
N PRO A 341 -0.41 -25.69 6.01
CA PRO A 341 -0.70 -26.78 6.95
C PRO A 341 0.28 -27.95 6.83
N LEU A 342 0.30 -28.81 7.85
CA LEU A 342 1.19 -29.96 7.83
C LEU A 342 0.82 -30.90 6.71
N GLU A 343 -0.48 -30.97 6.41
CA GLU A 343 -0.98 -31.83 5.36
C GLU A 343 -0.39 -31.39 4.02
N GLY A 344 -0.18 -30.08 3.90
CA GLY A 344 0.37 -29.52 2.69
C GLY A 344 1.84 -29.83 2.57
N VAL A 345 2.54 -29.82 3.71
CA VAL A 345 3.97 -30.12 3.73
C VAL A 345 4.15 -31.59 3.44
N LYS A 346 3.29 -32.42 4.03
CA LYS A 346 3.38 -33.87 3.81
C LYS A 346 3.13 -34.18 2.35
N ALA A 347 2.19 -33.47 1.74
CA ALA A 347 1.87 -33.68 0.34
C ALA A 347 3.09 -33.42 -0.51
N LEU A 348 3.91 -32.46 -0.08
CA LEU A 348 5.13 -32.10 -0.78
C LEU A 348 6.18 -33.18 -0.61
N THR A 349 6.41 -33.59 0.64
CA THR A 349 7.38 -34.62 0.92
C THR A 349 6.99 -35.94 0.27
N ASP A 350 5.69 -36.24 0.22
CA ASP A 350 5.21 -37.46 -0.41
C ASP A 350 5.58 -37.41 -1.88
N PHE A 351 5.38 -36.24 -2.50
CA PHE A 351 5.71 -36.05 -3.92
C PHE A 351 7.21 -36.16 -4.18
N MET A 352 8.02 -35.49 -3.36
CA MET A 352 9.46 -35.51 -3.51
C MET A 352 10.05 -36.92 -3.48
N VAL A 353 9.48 -37.78 -2.63
CA VAL A 353 9.96 -39.15 -2.51
C VAL A 353 9.60 -39.87 -3.79
N GLU A 354 8.32 -39.80 -4.17
CA GLU A 354 7.84 -40.45 -5.38
C GLU A 354 8.68 -40.04 -6.59
N PHE A 355 8.82 -38.73 -6.82
CA PHE A 355 9.59 -38.21 -7.95
C PHE A 355 10.98 -38.82 -8.02
N GLU A 356 11.62 -38.95 -6.85
CA GLU A 356 12.96 -39.51 -6.75
C GLU A 356 12.97 -40.99 -7.12
N ARG A 357 12.05 -41.73 -6.52
CA ARG A 357 11.93 -43.14 -6.77
C ARG A 357 11.65 -43.42 -8.24
N ARG A 358 11.40 -42.37 -9.03
CA ARG A 358 11.12 -42.54 -10.46
C ARG A 358 12.04 -41.85 -11.47
N HIS A 359 12.92 -40.97 -11.01
CA HIS A 359 13.82 -40.25 -11.90
C HIS A 359 15.24 -40.24 -11.37
N GLY A 360 15.38 -40.44 -10.06
CA GLY A 360 16.69 -40.45 -9.43
C GLY A 360 17.38 -41.78 -9.66
N GLN B 1 -31.58 -1.20 -2.51
CA GLN B 1 -30.11 -1.02 -2.74
C GLN B 1 -29.46 0.08 -1.89
N ILE B 2 -28.16 -0.08 -1.63
CA ILE B 2 -27.38 0.88 -0.87
C ILE B 2 -26.50 1.71 -1.81
N PHE B 3 -26.42 3.01 -1.52
CA PHE B 3 -25.60 3.92 -2.30
C PHE B 3 -24.64 4.59 -1.35
N ASN B 4 -23.37 4.27 -1.53
CA ASN B 4 -22.28 4.76 -0.70
C ASN B 4 -21.69 6.07 -1.23
N PHE B 5 -21.91 7.15 -0.48
CA PHE B 5 -21.40 8.45 -0.90
C PHE B 5 -20.10 8.82 -0.21
N SER B 6 -19.38 7.81 0.27
CA SER B 6 -18.11 8.02 0.93
C SER B 6 -17.17 8.69 -0.04
N SER B 7 -16.25 9.49 0.48
CA SER B 7 -15.31 10.21 -0.36
C SER B 7 -13.94 9.58 -0.56
N GLY B 8 -13.67 8.45 0.09
CA GLY B 8 -12.38 7.80 -0.06
C GLY B 8 -11.90 7.14 1.22
N PRO B 9 -11.83 5.80 1.27
CA PRO B 9 -12.19 4.86 0.21
C PRO B 9 -13.60 5.09 -0.33
N ALA B 10 -13.80 4.82 -1.61
CA ALA B 10 -15.09 5.06 -2.22
C ALA B 10 -15.79 3.81 -2.74
N MET B 11 -17.00 4.01 -3.25
CA MET B 11 -17.79 2.93 -3.81
C MET B 11 -17.12 2.46 -5.08
N LEU B 12 -17.10 1.15 -5.28
CA LEU B 12 -16.51 0.56 -6.47
C LEU B 12 -17.64 0.06 -7.36
N PRO B 13 -17.39 -0.08 -8.67
CA PRO B 13 -18.43 -0.56 -9.59
C PRO B 13 -18.94 -1.92 -9.12
N ALA B 14 -20.27 -2.08 -9.10
CA ALA B 14 -20.88 -3.33 -8.66
C ALA B 14 -20.36 -4.54 -9.43
N GLU B 15 -20.18 -4.41 -10.74
CA GLU B 15 -19.69 -5.51 -11.59
C GLU B 15 -18.29 -5.90 -11.20
N VAL B 16 -17.44 -4.90 -11.05
CA VAL B 16 -16.06 -5.12 -10.68
C VAL B 16 -15.97 -5.91 -9.37
N LEU B 17 -16.80 -5.53 -8.40
CA LEU B 17 -16.81 -6.21 -7.11
C LEU B 17 -17.43 -7.60 -7.14
N LYS B 18 -18.42 -7.77 -8.02
CA LYS B 18 -19.11 -9.05 -8.13
C LYS B 18 -18.19 -10.09 -8.76
N GLN B 19 -17.24 -9.61 -9.57
CA GLN B 19 -16.25 -10.47 -10.22
C GLN B 19 -15.13 -10.81 -9.24
N ALA B 20 -14.55 -9.78 -8.63
CA ALA B 20 -13.48 -9.96 -7.66
C ALA B 20 -13.90 -10.99 -6.61
N GLN B 21 -15.16 -10.93 -6.19
CA GLN B 21 -15.69 -11.85 -5.18
C GLN B 21 -15.73 -13.28 -5.66
N GLN B 22 -16.23 -13.46 -6.87
CA GLN B 22 -16.38 -14.79 -7.42
C GLN B 22 -15.08 -15.55 -7.62
N GLU B 23 -14.08 -14.87 -8.16
CA GLU B 23 -12.78 -15.50 -8.38
C GLU B 23 -11.82 -15.15 -7.24
N LEU B 24 -12.36 -14.84 -6.06
CA LEU B 24 -11.47 -14.49 -4.96
C LEU B 24 -10.54 -15.63 -4.59
N ARG B 25 -11.09 -16.84 -4.51
CA ARG B 25 -10.27 -18.00 -4.15
C ARG B 25 -9.72 -18.84 -5.30
N ASP B 26 -10.24 -18.64 -6.50
CA ASP B 26 -9.78 -19.39 -7.67
C ASP B 26 -9.74 -18.44 -8.86
N TRP B 27 -8.66 -17.65 -8.91
CA TRP B 27 -8.48 -16.68 -9.97
C TRP B 27 -7.78 -17.30 -11.17
N ASN B 28 -8.39 -17.19 -12.35
CA ASN B 28 -7.77 -17.73 -13.58
C ASN B 28 -7.63 -19.26 -13.61
N GLY B 29 -8.53 -19.96 -12.93
CA GLY B 29 -8.47 -21.40 -12.89
C GLY B 29 -7.21 -21.91 -12.21
N LEU B 30 -6.47 -21.01 -11.57
CA LEU B 30 -5.24 -21.37 -10.88
C LEU B 30 -5.50 -22.09 -9.56
N GLY B 31 -6.69 -21.91 -8.99
CA GLY B 31 -6.99 -22.55 -7.73
C GLY B 31 -6.46 -21.75 -6.54
N THR B 32 -5.91 -20.57 -6.82
CA THR B 32 -5.40 -19.68 -5.77
C THR B 32 -5.94 -18.29 -6.03
N SER B 33 -5.73 -17.40 -5.06
CA SER B 33 -6.18 -16.01 -5.16
C SER B 33 -5.07 -15.21 -5.84
N VAL B 34 -5.43 -14.05 -6.38
CA VAL B 34 -4.46 -13.15 -7.01
C VAL B 34 -3.54 -12.65 -5.89
N MET B 35 -4.10 -12.59 -4.68
CA MET B 35 -3.39 -12.15 -3.50
C MET B 35 -2.32 -13.13 -3.06
N GLU B 36 -2.47 -14.39 -3.45
CA GLU B 36 -1.54 -15.43 -3.06
C GLU B 36 -0.42 -15.68 -4.08
N VAL B 37 -0.63 -15.18 -5.30
CA VAL B 37 0.32 -15.33 -6.41
C VAL B 37 1.50 -14.35 -6.32
N SER B 38 2.67 -14.82 -6.75
CA SER B 38 3.87 -14.00 -6.76
C SER B 38 3.74 -12.89 -7.78
N HIS B 39 4.23 -11.70 -7.45
CA HIS B 39 4.15 -10.57 -8.37
C HIS B 39 5.05 -10.74 -9.62
N ARG B 40 6.06 -11.59 -9.49
CA ARG B 40 7.01 -11.87 -10.56
C ARG B 40 6.47 -12.88 -11.58
N GLY B 41 5.55 -13.74 -11.13
CA GLY B 41 4.96 -14.74 -12.01
C GLY B 41 4.35 -14.11 -13.26
N LYS B 42 4.42 -14.82 -14.38
CA LYS B 42 3.88 -14.34 -15.68
C LYS B 42 2.39 -14.01 -15.62
N GLU B 43 1.66 -14.72 -14.75
CA GLU B 43 0.22 -14.51 -14.59
C GLU B 43 -0.07 -13.07 -14.12
N PHE B 44 0.59 -12.63 -13.06
CA PHE B 44 0.39 -11.28 -12.56
C PHE B 44 0.97 -10.21 -13.50
N ILE B 45 2.18 -10.47 -14.03
CA ILE B 45 2.83 -9.51 -14.93
C ILE B 45 1.91 -9.17 -16.11
N GLN B 46 1.11 -10.13 -16.55
CA GLN B 46 0.20 -9.87 -17.65
C GLN B 46 -0.93 -8.94 -17.18
N VAL B 47 -1.34 -9.10 -15.92
CA VAL B 47 -2.38 -8.26 -15.34
C VAL B 47 -1.86 -6.82 -15.26
N ALA B 48 -0.64 -6.70 -14.77
CA ALA B 48 0.01 -5.41 -14.59
C ALA B 48 0.21 -4.63 -15.87
N GLU B 49 0.60 -5.31 -16.95
CA GLU B 49 0.85 -4.63 -18.23
C GLU B 49 -0.46 -4.25 -18.89
N GLU B 50 -1.42 -5.14 -18.80
CA GLU B 50 -2.73 -4.94 -19.37
C GLU B 50 -3.34 -3.74 -18.66
N ALA B 51 -3.10 -3.66 -17.35
CA ALA B 51 -3.59 -2.58 -16.51
C ALA B 51 -3.10 -1.23 -17.01
N GLU B 52 -1.80 -1.15 -17.27
CA GLU B 52 -1.20 0.08 -17.75
C GLU B 52 -1.66 0.39 -19.16
N LYS B 53 -1.77 -0.62 -20.00
CA LYS B 53 -2.19 -0.41 -21.38
C LYS B 53 -3.60 0.18 -21.44
N ASP B 54 -4.52 -0.39 -20.67
CA ASP B 54 -5.89 0.09 -20.64
C ASP B 54 -5.89 1.54 -20.18
N PHE B 55 -5.16 1.80 -19.09
CA PHE B 55 -5.06 3.15 -18.52
C PHE B 55 -4.59 4.17 -19.55
N ARG B 56 -3.61 3.81 -20.38
CA ARG B 56 -3.08 4.71 -21.40
C ARG B 56 -4.10 4.95 -22.49
N ASP B 57 -4.84 3.91 -22.86
CA ASP B 57 -5.88 4.03 -23.89
C ASP B 57 -6.97 4.98 -23.43
N LEU B 58 -7.33 4.87 -22.15
CA LEU B 58 -8.37 5.68 -21.51
C LEU B 58 -8.09 7.16 -21.53
N LEU B 59 -6.87 7.54 -21.17
CA LEU B 59 -6.50 8.95 -21.16
C LEU B 59 -5.67 9.45 -22.34
N ASN B 60 -5.39 8.57 -23.31
CA ASN B 60 -4.58 8.93 -24.46
C ASN B 60 -3.25 9.51 -23.95
N VAL B 61 -2.51 8.67 -23.23
CA VAL B 61 -1.23 9.07 -22.69
C VAL B 61 -0.15 8.81 -23.73
N PRO B 62 0.44 9.89 -24.26
CA PRO B 62 1.50 9.77 -25.28
C PRO B 62 2.77 9.06 -24.79
N SER B 63 3.43 8.41 -25.74
CA SER B 63 4.66 7.64 -25.56
C SER B 63 5.76 8.25 -24.70
N ASN B 64 5.79 9.58 -24.59
CA ASN B 64 6.85 10.19 -23.80
C ASN B 64 6.54 10.34 -22.31
N TYR B 65 5.45 9.70 -21.87
CA TYR B 65 5.05 9.72 -20.48
C TYR B 65 5.11 8.32 -19.89
N LYS B 66 5.72 8.18 -18.72
CA LYS B 66 5.79 6.90 -18.05
C LYS B 66 4.60 6.84 -17.09
N VAL B 67 4.08 5.63 -16.85
CA VAL B 67 2.95 5.46 -15.94
C VAL B 67 3.40 4.52 -14.83
N LEU B 68 3.54 5.06 -13.62
CA LEU B 68 4.01 4.29 -12.48
C LEU B 68 2.90 3.92 -11.48
N PHE B 69 3.13 2.84 -10.74
CA PHE B 69 2.18 2.35 -9.71
C PHE B 69 2.95 2.20 -8.40
N CYS B 70 2.66 3.03 -7.42
CA CYS B 70 3.39 2.94 -6.17
C CYS B 70 2.62 2.97 -4.87
N HIS B 71 3.35 2.79 -3.76
CA HIS B 71 2.80 2.79 -2.42
C HIS B 71 2.79 4.23 -1.93
N GLY B 72 2.15 4.43 -0.79
CA GLY B 72 2.13 5.75 -0.19
C GLY B 72 0.94 6.66 -0.30
N GLY B 73 0.07 6.43 -1.29
CA GLY B 73 -1.09 7.29 -1.46
C GLY B 73 -0.71 8.68 -1.92
N GLY B 74 -1.70 9.56 -1.97
CA GLY B 74 -1.47 10.93 -2.42
C GLY B 74 -0.46 11.72 -1.62
N ARG B 75 -0.45 11.57 -0.30
CA ARG B 75 0.50 12.32 0.54
C ARG B 75 1.91 11.86 0.35
N GLY B 76 2.09 10.60 -0.02
CA GLY B 76 3.41 10.07 -0.24
C GLY B 76 3.96 10.89 -1.38
N GLN B 77 3.07 11.30 -2.27
CA GLN B 77 3.44 12.10 -3.43
C GLN B 77 3.75 13.56 -3.14
N PHE B 78 3.27 14.07 -2.01
CA PHE B 78 3.55 15.45 -1.63
C PHE B 78 5.03 15.55 -1.35
N ALA B 79 5.61 14.40 -1.02
CA ALA B 79 7.03 14.29 -0.73
C ALA B 79 7.79 13.86 -1.99
N ALA B 80 7.23 12.89 -2.72
CA ALA B 80 7.87 12.36 -3.91
C ALA B 80 8.15 13.38 -5.02
N VAL B 81 7.17 14.24 -5.32
CA VAL B 81 7.34 15.25 -6.36
C VAL B 81 8.58 16.10 -6.06
N PRO B 82 8.64 16.74 -4.87
CA PRO B 82 9.79 17.57 -4.52
C PRO B 82 11.11 16.77 -4.54
N LEU B 83 11.07 15.55 -4.02
CA LEU B 83 12.25 14.72 -3.99
C LEU B 83 12.73 14.31 -5.39
N ASN B 84 11.80 14.16 -6.32
CA ASN B 84 12.14 13.73 -7.67
C ASN B 84 12.42 14.82 -8.71
N ILE B 85 11.50 15.75 -8.89
CA ILE B 85 11.68 16.78 -9.89
C ILE B 85 12.17 18.15 -9.45
N LEU B 86 12.57 18.29 -8.20
CA LEU B 86 13.08 19.59 -7.74
C LEU B 86 14.48 19.83 -8.28
N GLY B 87 15.09 18.77 -8.83
CA GLY B 87 16.42 18.86 -9.39
C GLY B 87 17.40 19.49 -8.41
N ASP B 88 17.88 20.68 -8.74
CA ASP B 88 18.82 21.36 -7.86
C ASP B 88 18.41 22.81 -7.57
N LYS B 89 17.19 23.16 -7.97
CA LYS B 89 16.63 24.49 -7.74
C LYS B 89 16.26 24.47 -6.25
N THR B 90 16.16 25.65 -5.64
CA THR B 90 15.80 25.70 -4.22
C THR B 90 14.32 26.10 -4.00
N THR B 91 13.59 26.39 -5.07
CA THR B 91 12.17 26.77 -4.95
C THR B 91 11.23 26.14 -5.97
N ALA B 92 9.95 26.24 -5.66
CA ALA B 92 8.92 25.72 -6.53
C ALA B 92 7.65 26.53 -6.32
N ASP B 93 6.88 26.69 -7.37
CA ASP B 93 5.61 27.42 -7.29
C ASP B 93 4.52 26.48 -6.82
N TYR B 94 3.73 26.94 -5.86
CA TYR B 94 2.64 26.13 -5.33
C TYR B 94 1.39 27.01 -5.29
N VAL B 95 0.31 26.52 -5.89
CA VAL B 95 -0.94 27.27 -5.93
C VAL B 95 -1.93 26.74 -4.91
N ASP B 96 -2.21 27.55 -3.89
CA ASP B 96 -3.15 27.19 -2.84
C ASP B 96 -4.54 27.70 -3.19
N ALA B 97 -5.50 26.79 -3.18
CA ALA B 97 -6.87 27.13 -3.49
C ALA B 97 -7.74 26.09 -2.82
N GLY B 98 -7.22 25.46 -1.78
CA GLY B 98 -7.97 24.43 -1.10
C GLY B 98 -7.14 23.67 -0.07
N TYR B 99 -7.80 22.79 0.67
CA TYR B 99 -7.16 22.00 1.72
C TYR B 99 -5.99 21.14 1.24
N TRP B 100 -6.21 20.41 0.15
CA TRP B 100 -5.19 19.56 -0.43
C TRP B 100 -4.05 20.33 -1.09
N ALA B 101 -4.38 21.43 -1.74
CA ALA B 101 -3.37 22.25 -2.37
C ALA B 101 -2.45 22.76 -1.26
N ALA B 102 -3.03 23.04 -0.09
CA ALA B 102 -2.28 23.56 1.05
C ALA B 102 -1.47 22.47 1.73
N SER B 103 -2.03 21.28 1.86
CA SER B 103 -1.32 20.17 2.50
C SER B 103 -0.03 19.84 1.75
N ALA B 104 -0.08 19.92 0.42
CA ALA B 104 1.07 19.64 -0.42
C ALA B 104 2.17 20.65 -0.11
N ILE B 105 1.78 21.90 0.09
CA ILE B 105 2.72 22.98 0.41
C ILE B 105 3.44 22.72 1.73
N LYS B 106 2.71 22.22 2.71
CA LYS B 106 3.27 21.96 4.03
C LYS B 106 4.37 20.89 4.00
N GLU B 107 4.19 19.89 3.14
CA GLU B 107 5.15 18.81 3.01
C GLU B 107 6.35 19.32 2.23
N ALA B 108 6.08 20.11 1.20
CA ALA B 108 7.13 20.67 0.35
C ALA B 108 8.14 21.50 1.13
N LYS B 109 7.69 22.14 2.22
CA LYS B 109 8.56 22.96 3.05
C LYS B 109 9.77 22.17 3.57
N LYS B 110 9.58 20.86 3.72
CA LYS B 110 10.63 19.96 4.18
C LYS B 110 11.79 19.90 3.18
N TYR B 111 11.48 20.13 1.92
CA TYR B 111 12.48 20.01 0.86
C TYR B 111 12.89 21.26 0.11
N CYS B 112 12.24 22.39 0.39
CA CYS B 112 12.58 23.63 -0.29
C CYS B 112 11.83 24.79 0.31
N THR B 113 11.97 25.95 -0.33
CA THR B 113 11.29 27.17 0.06
C THR B 113 10.28 27.39 -1.05
N PRO B 114 9.05 26.91 -0.84
CA PRO B 114 8.00 27.06 -1.85
C PRO B 114 7.35 28.43 -1.94
N ASN B 115 7.21 28.94 -3.17
CA ASN B 115 6.55 30.23 -3.39
C ASN B 115 5.06 29.90 -3.46
N VAL B 116 4.30 30.37 -2.49
CA VAL B 116 2.87 30.08 -2.47
C VAL B 116 2.06 31.19 -3.13
N PHE B 117 1.07 30.80 -3.91
CA PHE B 117 0.20 31.76 -4.56
C PHE B 117 -1.20 31.44 -4.09
N ASP B 118 -1.84 32.42 -3.46
CA ASP B 118 -3.20 32.23 -2.97
C ASP B 118 -4.18 32.54 -4.10
N ALA B 119 -4.69 31.48 -4.74
CA ALA B 119 -5.62 31.62 -5.86
C ALA B 119 -7.08 31.75 -5.41
N LYS B 120 -7.30 31.68 -4.10
CA LYS B 120 -8.64 31.77 -3.53
C LYS B 120 -9.22 33.18 -3.55
N VAL B 121 -10.46 33.31 -4.01
CA VAL B 121 -11.15 34.60 -4.01
C VAL B 121 -12.64 34.37 -3.84
N THR B 122 -13.32 35.41 -3.41
CA THR B 122 -14.75 35.34 -3.19
C THR B 122 -15.45 36.32 -4.12
N VAL B 123 -16.29 35.76 -4.99
CA VAL B 123 -17.03 36.53 -5.98
C VAL B 123 -18.52 36.36 -5.74
N ASP B 124 -19.20 37.47 -5.46
CA ASP B 124 -20.65 37.47 -5.21
C ASP B 124 -21.00 36.62 -3.99
N GLY B 125 -20.09 36.56 -3.03
CA GLY B 125 -20.30 35.76 -1.83
C GLY B 125 -20.04 34.29 -2.09
N LEU B 126 -19.79 33.94 -3.35
CA LEU B 126 -19.53 32.56 -3.75
C LEU B 126 -18.03 32.32 -3.86
N ARG B 127 -17.59 31.18 -3.35
CA ARG B 127 -16.18 30.80 -3.39
C ARG B 127 -15.74 30.39 -4.81
N ALA B 128 -14.77 31.15 -5.33
CA ALA B 128 -14.25 30.91 -6.66
C ALA B 128 -12.72 30.90 -6.66
N VAL B 129 -12.14 30.60 -7.81
CA VAL B 129 -10.68 30.54 -7.98
C VAL B 129 -10.22 31.44 -9.13
N LYS B 130 -9.13 32.15 -8.91
CA LYS B 130 -8.58 33.03 -9.94
C LYS B 130 -8.17 32.22 -11.16
N PRO B 131 -8.40 32.78 -12.35
CA PRO B 131 -8.04 32.06 -13.58
C PRO B 131 -6.52 31.97 -13.72
N MET B 132 -6.06 30.88 -14.34
CA MET B 132 -4.64 30.62 -14.53
C MET B 132 -3.87 31.78 -15.14
N ARG B 133 -4.48 32.52 -16.05
CA ARG B 133 -3.79 33.64 -16.69
C ARG B 133 -3.37 34.71 -15.68
N GLU B 134 -3.96 34.64 -14.47
CA GLU B 134 -3.65 35.58 -13.38
C GLU B 134 -2.73 35.02 -12.30
N TRP B 135 -2.23 33.81 -12.50
CA TRP B 135 -1.34 33.16 -11.54
C TRP B 135 0.11 33.67 -11.60
N GLN B 136 0.66 34.02 -10.43
CA GLN B 136 2.03 34.51 -10.35
C GLN B 136 3.07 33.40 -10.19
N LEU B 137 3.83 33.16 -11.24
CA LEU B 137 4.87 32.14 -11.20
C LEU B 137 6.19 32.87 -11.07
N SER B 138 7.19 32.21 -10.49
CA SER B 138 8.52 32.81 -10.34
C SER B 138 9.45 32.30 -11.45
N ASP B 139 10.61 32.93 -11.61
CA ASP B 139 11.56 32.55 -12.67
C ASP B 139 12.40 31.31 -12.40
N ASN B 140 12.96 31.29 -11.20
CA ASN B 140 13.83 30.22 -10.69
C ASN B 140 13.16 28.87 -10.40
N ALA B 141 11.83 28.87 -10.25
CA ALA B 141 11.06 27.68 -9.90
C ALA B 141 11.30 26.41 -10.73
N ALA B 142 11.48 25.30 -10.03
CA ALA B 142 11.71 23.99 -10.65
C ALA B 142 10.45 23.42 -11.30
N TYR B 143 9.29 23.84 -10.79
CA TYR B 143 8.00 23.41 -11.28
C TYR B 143 6.91 24.16 -10.55
N MET B 144 5.69 24.05 -11.05
CA MET B 144 4.54 24.68 -10.44
C MET B 144 3.58 23.55 -10.05
N HIS B 145 3.05 23.59 -8.84
CA HIS B 145 2.14 22.56 -8.36
C HIS B 145 0.74 23.10 -8.02
N TYR B 146 -0.31 22.36 -8.32
CA TYR B 146 -1.66 22.81 -7.99
C TYR B 146 -2.62 21.62 -7.90
N CYS B 147 -3.78 21.82 -7.29
CA CYS B 147 -4.78 20.75 -7.17
C CYS B 147 -6.05 21.11 -7.91
N PRO B 148 -6.37 20.34 -8.95
CA PRO B 148 -7.54 20.51 -9.81
C PRO B 148 -8.87 20.08 -9.20
N ASN B 149 -8.84 19.55 -7.98
CA ASN B 149 -10.08 19.12 -7.37
C ASN B 149 -10.00 18.92 -5.86
N GLU B 150 -10.43 19.94 -5.13
CA GLU B 150 -10.43 19.91 -3.67
C GLU B 150 -11.62 19.12 -3.10
N THR B 151 -11.32 17.94 -2.56
CA THR B 151 -12.35 17.05 -2.02
C THR B 151 -13.16 17.61 -0.86
N ILE B 152 -12.53 18.43 -0.03
CA ILE B 152 -13.21 18.99 1.11
C ILE B 152 -14.01 20.24 0.76
N ASP B 153 -13.42 21.11 -0.05
CA ASP B 153 -14.07 22.34 -0.44
C ASP B 153 -15.08 22.21 -1.57
N GLY B 154 -14.96 21.18 -2.38
CA GLY B 154 -15.88 21.03 -3.50
C GLY B 154 -15.53 22.01 -4.61
N ILE B 155 -14.25 22.39 -4.65
CA ILE B 155 -13.69 23.32 -5.63
C ILE B 155 -12.98 22.56 -6.74
N ALA B 156 -13.18 22.99 -7.98
CA ALA B 156 -12.56 22.37 -9.13
C ALA B 156 -12.04 23.44 -10.09
N ILE B 157 -10.84 23.19 -10.65
CA ILE B 157 -10.21 24.07 -11.63
C ILE B 157 -10.09 23.22 -12.90
N ASP B 158 -11.00 23.44 -13.85
CA ASP B 158 -11.00 22.66 -15.09
C ASP B 158 -10.18 23.25 -16.23
N GLU B 159 -9.73 24.48 -16.02
CA GLU B 159 -8.91 25.22 -16.98
C GLU B 159 -7.70 24.41 -17.39
N THR B 160 -7.40 24.37 -18.68
CA THR B 160 -6.24 23.64 -19.16
C THR B 160 -5.02 24.57 -19.05
N PRO B 161 -3.91 24.06 -18.48
CA PRO B 161 -2.67 24.83 -18.31
C PRO B 161 -2.12 25.26 -19.66
N ASP B 162 -1.57 26.47 -19.73
CA ASP B 162 -1.02 26.96 -20.99
C ASP B 162 0.19 27.87 -20.75
N PHE B 163 1.08 27.43 -19.86
CA PHE B 163 2.27 28.19 -19.46
C PHE B 163 3.48 28.21 -20.39
N GLY B 164 3.54 27.24 -21.29
CA GLY B 164 4.62 27.19 -22.26
C GLY B 164 5.87 26.46 -21.78
N ALA B 165 6.45 25.69 -22.71
CA ALA B 165 7.66 24.87 -22.51
C ALA B 165 8.45 25.09 -21.22
N ASP B 166 8.81 26.34 -20.96
CA ASP B 166 9.59 26.71 -19.76
C ASP B 166 9.06 26.25 -18.38
N VAL B 167 7.74 26.02 -18.26
CA VAL B 167 7.12 25.64 -16.99
C VAL B 167 6.70 24.17 -16.89
N VAL B 168 7.01 23.56 -15.74
CA VAL B 168 6.66 22.16 -15.49
C VAL B 168 5.47 22.11 -14.52
N VAL B 169 4.34 21.60 -14.99
CA VAL B 169 3.15 21.50 -14.16
C VAL B 169 3.00 20.14 -13.49
N ALA B 170 2.82 20.17 -12.16
CA ALA B 170 2.59 18.97 -11.37
C ALA B 170 1.20 19.13 -10.79
N ALA B 171 0.39 18.09 -10.85
CA ALA B 171 -0.98 18.20 -10.35
C ALA B 171 -1.47 17.00 -9.57
N ASP B 172 -2.38 17.26 -8.64
CA ASP B 172 -2.96 16.24 -7.76
C ASP B 172 -4.38 15.91 -8.24
N PHE B 173 -4.49 14.91 -9.10
CA PHE B 173 -5.79 14.49 -9.64
C PHE B 173 -6.43 13.36 -8.85
N SER B 174 -6.05 13.19 -7.59
CA SER B 174 -6.59 12.09 -6.79
C SER B 174 -8.09 11.85 -6.85
N SER B 175 -8.86 12.93 -6.76
CA SER B 175 -10.32 12.85 -6.73
C SER B 175 -11.06 13.24 -8.00
N THR B 176 -10.36 13.37 -9.12
CA THR B 176 -11.03 13.73 -10.36
C THR B 176 -10.62 12.94 -11.58
N ILE B 177 -9.43 12.33 -11.55
CA ILE B 177 -8.93 11.57 -12.69
C ILE B 177 -9.94 10.53 -13.22
N LEU B 178 -10.02 10.45 -14.55
CA LEU B 178 -10.91 9.54 -15.30
C LEU B 178 -12.37 9.98 -15.27
N SER B 179 -12.63 11.20 -14.80
CA SER B 179 -13.99 11.74 -14.72
C SER B 179 -14.28 12.51 -16.00
N ARG B 180 -13.22 13.03 -16.62
CA ARG B 180 -13.33 13.80 -17.85
C ARG B 180 -12.01 13.63 -18.63
N PRO B 181 -12.07 13.77 -19.96
CA PRO B 181 -10.86 13.64 -20.77
C PRO B 181 -9.95 14.86 -20.55
N ILE B 182 -8.65 14.63 -20.47
CA ILE B 182 -7.70 15.70 -20.27
C ILE B 182 -6.51 15.57 -21.22
N ASP B 183 -5.85 16.69 -21.49
CA ASP B 183 -4.71 16.73 -22.36
C ASP B 183 -3.45 16.56 -21.50
N VAL B 184 -3.02 15.31 -21.38
CA VAL B 184 -1.85 14.96 -20.58
C VAL B 184 -0.57 15.71 -20.97
N SER B 185 -0.40 15.99 -22.25
CA SER B 185 0.80 16.68 -22.76
C SER B 185 1.10 18.02 -22.10
N ARG B 186 0.09 18.63 -21.49
CA ARG B 186 0.26 19.91 -20.82
C ARG B 186 0.97 19.79 -19.47
N TYR B 187 0.93 18.59 -18.91
CA TYR B 187 1.53 18.33 -17.61
C TYR B 187 2.89 17.67 -17.63
N GLY B 188 3.59 17.85 -16.52
CA GLY B 188 4.89 17.23 -16.34
C GLY B 188 4.68 16.02 -15.44
N VAL B 189 3.89 16.21 -14.39
CA VAL B 189 3.57 15.14 -13.44
C VAL B 189 2.10 15.19 -13.04
N ILE B 190 1.46 14.03 -13.05
CA ILE B 190 0.06 13.90 -12.69
C ILE B 190 -0.01 12.71 -11.74
N TYR B 191 -0.40 12.93 -10.49
CA TYR B 191 -0.50 11.82 -9.55
C TYR B 191 -1.89 11.70 -8.99
N ALA B 192 -2.22 10.53 -8.53
CA ALA B 192 -3.55 10.28 -7.99
C ALA B 192 -3.68 8.97 -7.22
N GLY B 193 -4.15 9.07 -5.97
CA GLY B 193 -4.41 7.89 -5.16
C GLY B 193 -5.63 7.21 -5.76
N ALA B 194 -5.62 5.89 -5.78
CA ALA B 194 -6.70 5.09 -6.38
C ALA B 194 -8.03 5.00 -5.62
N GLN B 195 -7.98 5.17 -4.30
CA GLN B 195 -9.19 5.05 -3.46
C GLN B 195 -10.39 5.95 -3.74
N1 LLP B 196 -4.94 15.17 -2.32
C2 LLP B 196 -6.17 15.09 -2.90
C2' LLP B 196 -6.62 16.11 -3.90
C3 LLP B 196 -7.01 14.03 -2.52
O3 LLP B 196 -8.22 13.93 -3.07
C4 LLP B 196 -6.55 13.07 -1.57
C4' LLP B 196 -7.44 11.91 -1.20
C5 LLP B 196 -5.27 13.22 -1.01
C6 LLP B 196 -4.49 14.27 -1.40
C5' LLP B 196 -4.77 12.21 0.03
OP4 LLP B 196 -4.66 10.93 -0.41
P LLP B 196 -4.08 9.82 0.60
OP1 LLP B 196 -4.94 9.84 1.84
OP2 LLP B 196 -2.64 10.29 0.98
OP3 LLP B 196 -3.99 8.54 -0.18
N LLP B 196 -10.24 6.98 -4.57
CA LLP B 196 -11.35 7.88 -4.87
CB LLP B 196 -10.84 9.32 -5.01
CG LLP B 196 -9.87 9.77 -3.94
CD LLP B 196 -10.56 10.33 -2.72
CE LLP B 196 -9.58 10.60 -1.59
NZ LLP B 196 -8.70 11.73 -1.89
C LLP B 196 -12.07 7.48 -6.15
O LLP B 196 -13.15 6.90 -6.13
N ASN B 197 -11.45 7.75 -7.29
CA ASN B 197 -12.11 7.45 -8.55
C ASN B 197 -11.64 6.23 -9.35
N ILE B 198 -10.54 5.60 -8.94
CA ILE B 198 -10.09 4.41 -9.64
C ILE B 198 -10.57 3.20 -8.86
N GLY B 199 -9.66 2.63 -8.08
CA GLY B 199 -9.99 1.44 -7.30
C GLY B 199 -9.90 1.56 -5.80
N PRO B 200 -9.21 0.59 -5.16
CA PRO B 200 -9.02 0.53 -3.72
C PRO B 200 -7.82 1.29 -3.20
N ALA B 201 -7.77 1.42 -1.88
CA ALA B 201 -6.70 2.13 -1.19
C ALA B 201 -5.43 1.30 -1.21
N GLY B 202 -4.28 1.97 -1.14
CA GLY B 202 -3.01 1.25 -1.13
C GLY B 202 -2.17 1.45 -2.37
N LEU B 203 -2.83 1.75 -3.48
CA LEU B 203 -2.16 1.98 -4.75
C LEU B 203 -2.23 3.45 -5.12
N THR B 204 -1.23 3.90 -5.86
CA THR B 204 -1.16 5.29 -6.31
C THR B 204 -0.62 5.28 -7.73
N ILE B 205 -1.26 6.05 -8.61
CA ILE B 205 -0.82 6.13 -9.99
C ILE B 205 -0.15 7.48 -10.28
N VAL B 206 0.97 7.42 -10.98
CA VAL B 206 1.72 8.62 -11.33
C VAL B 206 2.02 8.62 -12.80
N ILE B 207 1.93 9.78 -13.43
CA ILE B 207 2.22 9.94 -14.86
C ILE B 207 3.33 10.96 -14.93
N VAL B 208 4.51 10.53 -15.34
CA VAL B 208 5.67 11.41 -15.43
C VAL B 208 6.14 11.59 -16.87
N ARG B 209 6.60 12.80 -17.19
CA ARG B 209 7.13 13.05 -18.52
C ARG B 209 8.58 12.55 -18.43
N GLU B 210 8.98 11.69 -19.36
CA GLU B 210 10.31 11.06 -19.35
C GLU B 210 11.55 11.91 -19.12
N ASP B 211 11.56 13.14 -19.65
CA ASP B 211 12.72 14.01 -19.49
C ASP B 211 12.89 14.55 -18.07
N LEU B 212 11.92 14.26 -17.21
CA LEU B 212 11.98 14.72 -15.82
C LEU B 212 12.67 13.71 -14.92
N LEU B 213 12.93 12.52 -15.45
CA LEU B 213 13.59 11.48 -14.68
C LEU B 213 15.10 11.73 -14.58
N GLY B 214 15.74 11.02 -13.65
CA GLY B 214 17.17 11.16 -13.48
C GLY B 214 17.64 12.38 -12.71
N LYS B 215 16.72 13.06 -12.01
CA LYS B 215 17.08 14.23 -11.22
C LYS B 215 16.88 13.97 -9.73
N ALA B 216 16.22 12.88 -9.39
CA ALA B 216 15.92 12.53 -8.00
C ALA B 216 17.01 12.82 -6.96
N ASN B 217 16.59 13.38 -5.83
CA ASN B 217 17.47 13.71 -4.73
C ASN B 217 17.99 12.38 -4.18
N ILE B 218 19.22 12.39 -3.69
CA ILE B 218 19.81 11.17 -3.13
C ILE B 218 19.04 10.69 -1.90
N ALA B 219 18.38 11.63 -1.22
CA ALA B 219 17.63 11.33 -0.02
C ALA B 219 16.30 10.64 -0.29
N CYS B 220 15.83 10.68 -1.52
CA CYS B 220 14.56 10.04 -1.88
C CYS B 220 14.61 8.54 -1.68
N PRO B 221 13.71 7.98 -0.86
CA PRO B 221 13.70 6.54 -0.63
C PRO B 221 13.52 5.88 -2.00
N SER B 222 14.24 4.79 -2.25
CA SER B 222 14.12 4.13 -3.54
C SER B 222 12.71 3.79 -3.99
N ILE B 223 11.82 3.41 -3.07
CA ILE B 223 10.45 3.06 -3.47
C ILE B 223 9.66 4.24 -4.00
N LEU B 224 10.18 5.45 -3.78
CA LEU B 224 9.54 6.67 -4.26
C LEU B 224 10.25 7.28 -5.46
N ASP B 225 11.47 6.81 -5.72
CA ASP B 225 12.30 7.28 -6.82
C ASP B 225 11.62 6.91 -8.14
N TYR B 226 11.22 7.92 -8.89
CA TYR B 226 10.56 7.70 -10.17
C TYR B 226 11.40 6.90 -11.15
N SER B 227 12.69 7.21 -11.20
CA SER B 227 13.63 6.54 -12.10
C SER B 227 13.72 5.04 -11.74
N ILE B 228 13.84 4.76 -10.45
CA ILE B 228 13.93 3.38 -9.97
C ILE B 228 12.66 2.61 -10.33
N LEU B 229 11.51 3.24 -10.07
CA LEU B 229 10.21 2.63 -10.36
C LEU B 229 10.04 2.37 -11.85
N ASN B 230 10.47 3.31 -12.68
CA ASN B 230 10.36 3.17 -14.12
C ASN B 230 11.25 2.05 -14.64
N ASP B 231 12.50 2.02 -14.20
CA ASP B 231 13.47 1.00 -14.59
C ASP B 231 13.03 -0.43 -14.23
N ASN B 232 12.26 -0.55 -13.15
CA ASN B 232 11.78 -1.85 -12.70
C ASN B 232 10.32 -2.13 -13.05
N GLY B 233 9.73 -1.26 -13.88
CA GLY B 233 8.35 -1.41 -14.29
C GLY B 233 7.38 -1.43 -13.14
N SER B 234 7.61 -0.53 -12.18
CA SER B 234 6.82 -0.37 -10.97
C SER B 234 6.88 -1.63 -10.10
N MET B 235 7.91 -2.44 -10.32
CA MET B 235 8.05 -3.67 -9.54
C MET B 235 9.39 -3.77 -8.83
N PHE B 236 9.88 -2.63 -8.36
CA PHE B 236 11.14 -2.57 -7.62
C PHE B 236 11.02 -3.48 -6.38
N ASN B 237 9.88 -3.40 -5.70
CA ASN B 237 9.61 -4.25 -4.55
C ASN B 237 8.18 -4.81 -4.70
N THR B 238 7.73 -5.66 -3.78
CA THR B 238 6.38 -6.22 -3.89
C THR B 238 5.37 -5.08 -3.89
N PRO B 239 4.54 -4.99 -4.95
CA PRO B 239 3.55 -3.92 -5.02
C PRO B 239 2.22 -4.39 -4.39
N PRO B 240 1.22 -3.49 -4.31
CA PRO B 240 -0.07 -3.88 -3.75
C PRO B 240 -0.76 -4.67 -4.87
N THR B 241 -0.46 -5.97 -4.96
CA THR B 241 -0.99 -6.82 -6.02
C THR B 241 -2.51 -6.84 -6.15
N PHE B 242 -3.22 -6.96 -5.05
CA PHE B 242 -4.67 -6.98 -5.14
C PHE B 242 -5.21 -5.65 -5.65
N ALA B 243 -4.66 -4.55 -5.15
CA ALA B 243 -5.10 -3.22 -5.55
C ALA B 243 -4.87 -3.02 -7.03
N TRP B 244 -3.69 -3.38 -7.51
CA TRP B 244 -3.33 -3.25 -8.93
C TRP B 244 -4.32 -4.08 -9.77
N TYR B 245 -4.69 -5.25 -9.26
CA TYR B 245 -5.61 -6.13 -9.94
C TYR B 245 -6.99 -5.47 -10.09
N LEU B 246 -7.53 -4.94 -8.99
CA LEU B 246 -8.84 -4.31 -9.05
C LEU B 246 -8.84 -3.11 -9.99
N SER B 247 -7.77 -2.32 -9.96
CA SER B 247 -7.68 -1.16 -10.83
C SER B 247 -7.81 -1.65 -12.27
N GLY B 248 -7.22 -2.80 -12.55
CA GLY B 248 -7.28 -3.38 -13.89
C GLY B 248 -8.71 -3.67 -14.29
N LEU B 249 -9.48 -4.23 -13.37
CA LEU B 249 -10.88 -4.55 -13.62
C LEU B 249 -11.70 -3.29 -13.87
N VAL B 250 -11.39 -2.23 -13.13
CA VAL B 250 -12.08 -0.96 -13.26
C VAL B 250 -11.81 -0.35 -14.64
N PHE B 251 -10.55 -0.34 -15.04
CA PHE B 251 -10.15 0.20 -16.34
C PHE B 251 -10.91 -0.51 -17.45
N LYS B 252 -11.12 -1.81 -17.28
CA LYS B 252 -11.83 -2.60 -18.29
C LYS B 252 -13.28 -2.22 -18.28
N TRP B 253 -13.82 -2.06 -17.08
CA TRP B 253 -15.22 -1.67 -16.89
C TRP B 253 -15.49 -0.34 -17.60
N LEU B 254 -14.52 0.55 -17.56
CA LEU B 254 -14.61 1.85 -18.20
C LEU B 254 -14.64 1.75 -19.71
N LYS B 255 -13.68 1.04 -20.30
CA LYS B 255 -13.64 0.89 -21.74
C LYS B 255 -14.93 0.22 -22.21
N ALA B 256 -15.40 -0.73 -21.41
CA ALA B 256 -16.63 -1.47 -21.68
C ALA B 256 -17.84 -0.57 -21.67
N ASN B 257 -17.77 0.53 -20.93
CA ASN B 257 -18.89 1.44 -20.84
C ASN B 257 -18.77 2.73 -21.62
N GLY B 258 -17.82 2.79 -22.55
CA GLY B 258 -17.68 3.99 -23.36
C GLY B 258 -16.52 4.90 -23.12
N GLY B 259 -15.59 4.49 -22.25
CA GLY B 259 -14.43 5.33 -21.96
C GLY B 259 -14.78 6.57 -21.16
N VAL B 260 -13.79 7.45 -20.97
CA VAL B 260 -13.97 8.70 -20.21
C VAL B 260 -14.88 9.71 -20.89
N ALA B 261 -15.08 9.56 -22.19
CA ALA B 261 -15.95 10.48 -22.93
C ALA B 261 -17.42 10.24 -22.54
N GLU B 262 -17.76 8.98 -22.31
CA GLU B 262 -19.11 8.62 -21.93
C GLU B 262 -19.30 8.91 -20.45
N MET B 263 -18.25 8.67 -19.67
CA MET B 263 -18.24 8.91 -18.24
C MET B 263 -18.45 10.41 -18.01
N ASP B 264 -17.76 11.22 -18.80
CA ASP B 264 -17.86 12.67 -18.71
C ASP B 264 -19.31 13.12 -18.93
N LYS B 265 -19.98 12.52 -19.92
CA LYS B 265 -21.36 12.87 -20.19
C LYS B 265 -22.23 12.53 -19.00
N ILE B 266 -22.10 11.30 -18.49
CA ILE B 266 -22.91 10.85 -17.35
C ILE B 266 -22.63 11.67 -16.09
N ASN B 267 -21.34 11.96 -15.86
CA ASN B 267 -20.93 12.74 -14.71
C ASN B 267 -21.54 14.13 -14.75
N GLN B 268 -21.74 14.62 -15.95
CA GLN B 268 -22.33 15.93 -16.17
C GLN B 268 -23.80 15.95 -15.74
N GLN B 269 -24.53 14.89 -16.11
CA GLN B 269 -25.94 14.81 -15.76
C GLN B 269 -26.12 14.67 -14.25
N LYS B 270 -25.27 13.86 -13.66
CA LYS B 270 -25.31 13.58 -12.23
C LYS B 270 -25.09 14.86 -11.44
N ALA B 271 -24.13 15.67 -11.89
CA ALA B 271 -23.79 16.93 -11.25
C ALA B 271 -24.90 17.95 -11.41
N GLU B 272 -25.44 18.04 -12.61
CA GLU B 272 -26.52 18.98 -12.89
C GLU B 272 -27.77 18.64 -12.09
N LEU B 273 -28.10 17.36 -12.01
CA LEU B 273 -29.28 16.95 -11.27
C LEU B 273 -29.17 17.40 -9.82
N LEU B 274 -28.06 17.04 -9.18
CA LEU B 274 -27.80 17.37 -7.78
C LEU B 274 -27.73 18.86 -7.53
N TYR B 275 -26.86 19.56 -8.24
CA TYR B 275 -26.71 21.00 -8.08
C TYR B 275 -28.01 21.73 -8.41
N GLY B 276 -28.85 21.09 -9.21
CA GLY B 276 -30.13 21.68 -9.59
C GLY B 276 -31.05 21.68 -8.40
N VAL B 277 -31.05 20.56 -7.68
CA VAL B 277 -31.87 20.44 -6.49
C VAL B 277 -31.42 21.43 -5.41
N ILE B 278 -30.11 21.57 -5.22
CA ILE B 278 -29.57 22.45 -4.20
C ILE B 278 -29.82 23.93 -4.46
N ASP B 279 -29.68 24.34 -5.71
CA ASP B 279 -29.89 25.73 -6.07
C ASP B 279 -31.36 26.12 -6.00
N ASN B 280 -32.23 25.22 -6.45
CA ASN B 280 -33.66 25.48 -6.47
C ASN B 280 -34.34 25.37 -5.11
N SER B 281 -33.59 24.90 -4.11
CA SER B 281 -34.12 24.78 -2.76
C SER B 281 -33.56 25.83 -1.82
N ASP B 282 -34.36 26.20 -0.82
CA ASP B 282 -33.95 27.18 0.19
C ASP B 282 -33.32 26.45 1.34
N PHE B 283 -33.72 25.19 1.50
CA PHE B 283 -33.21 24.39 2.61
C PHE B 283 -31.75 23.99 2.47
N TYR B 284 -31.33 23.64 1.26
CA TYR B 284 -29.96 23.24 1.04
C TYR B 284 -29.21 24.37 0.36
N ARG B 285 -27.90 24.38 0.57
CA ARG B 285 -27.06 25.43 0.00
C ARG B 285 -25.58 25.06 -0.15
N ASN B 286 -25.07 25.39 -1.33
CA ASN B 286 -23.67 25.17 -1.68
C ASN B 286 -23.18 26.58 -1.98
N ASP B 287 -22.02 26.96 -1.49
CA ASP B 287 -21.52 28.30 -1.73
C ASP B 287 -20.28 28.36 -2.64
N VAL B 288 -20.33 27.64 -3.75
CA VAL B 288 -19.20 27.63 -4.69
C VAL B 288 -19.68 28.13 -6.04
N ALA B 289 -18.86 28.97 -6.67
CA ALA B 289 -19.16 29.56 -7.97
C ALA B 289 -19.36 28.49 -9.04
N LYS B 290 -20.29 28.74 -9.97
CA LYS B 290 -20.58 27.80 -11.05
C LYS B 290 -19.33 27.37 -11.79
N ARG B 291 -18.48 28.35 -12.06
CA ARG B 291 -17.23 28.12 -12.77
C ARG B 291 -16.25 27.19 -12.03
N ASN B 292 -16.41 27.04 -10.72
CA ASN B 292 -15.52 26.19 -9.96
C ASN B 292 -16.17 25.05 -9.19
N ARG B 293 -17.39 24.68 -9.56
CA ARG B 293 -18.07 23.59 -8.87
C ARG B 293 -17.60 22.21 -9.29
N SER B 294 -17.08 21.45 -8.33
CA SER B 294 -16.62 20.11 -8.60
C SER B 294 -17.81 19.19 -8.91
N ARG B 295 -17.63 18.27 -9.86
CA ARG B 295 -18.69 17.32 -10.23
C ARG B 295 -18.51 15.99 -9.50
N MET B 296 -17.37 15.88 -8.81
CA MET B 296 -17.04 14.67 -8.07
C MET B 296 -17.44 14.77 -6.61
N ASN B 297 -17.09 15.89 -5.99
CA ASN B 297 -17.39 16.14 -4.59
C ASN B 297 -18.29 17.34 -4.48
N VAL B 298 -19.45 17.13 -3.87
CA VAL B 298 -20.45 18.17 -3.72
C VAL B 298 -20.84 18.40 -2.27
N PRO B 299 -20.25 19.42 -1.62
CA PRO B 299 -20.56 19.72 -0.23
C PRO B 299 -21.76 20.65 -0.14
N PHE B 300 -22.58 20.47 0.88
CA PHE B 300 -23.76 21.32 1.08
C PHE B 300 -24.15 21.42 2.54
N GLN B 301 -24.52 22.62 2.96
CA GLN B 301 -24.93 22.90 4.32
C GLN B 301 -26.47 22.92 4.35
N LEU B 302 -27.05 22.60 5.50
CA LEU B 302 -28.49 22.66 5.65
C LEU B 302 -28.77 24.08 6.15
N ALA B 303 -29.99 24.58 5.91
CA ALA B 303 -30.37 25.92 6.36
C ALA B 303 -30.40 25.89 7.87
N ASP B 304 -30.86 24.77 8.41
CA ASP B 304 -30.92 24.60 9.86
C ASP B 304 -30.02 23.46 10.27
N SER B 305 -28.82 23.79 10.74
CA SER B 305 -27.84 22.79 11.16
C SER B 305 -28.30 21.89 12.31
N ALA B 306 -29.38 22.27 13.00
CA ALA B 306 -29.91 21.47 14.10
C ALA B 306 -30.51 20.17 13.60
N LEU B 307 -30.76 20.13 12.29
CA LEU B 307 -31.33 18.94 11.66
C LEU B 307 -30.28 18.01 11.06
N ASP B 308 -29.01 18.40 11.17
CA ASP B 308 -27.91 17.61 10.65
C ASP B 308 -27.98 16.14 11.07
N LYS B 309 -28.16 15.91 12.37
CA LYS B 309 -28.22 14.53 12.87
C LYS B 309 -29.37 13.75 12.29
N LEU B 310 -30.53 14.38 12.26
CA LEU B 310 -31.70 13.71 11.73
C LEU B 310 -31.54 13.42 10.23
N PHE B 311 -30.86 14.32 9.53
CA PHE B 311 -30.64 14.13 8.10
C PHE B 311 -29.80 12.88 7.88
N LEU B 312 -28.80 12.72 8.73
CA LEU B 312 -27.89 11.59 8.66
C LEU B 312 -28.54 10.27 9.05
N GLU B 313 -29.43 10.29 10.05
CA GLU B 313 -30.12 9.09 10.47
C GLU B 313 -31.09 8.62 9.40
N GLU B 314 -31.90 9.56 8.90
CA GLU B 314 -32.87 9.25 7.88
C GLU B 314 -32.27 8.89 6.53
N SER B 315 -31.19 9.56 6.15
CA SER B 315 -30.54 9.27 4.87
C SER B 315 -29.92 7.90 4.95
N PHE B 316 -29.36 7.56 6.10
CA PHE B 316 -28.75 6.25 6.29
C PHE B 316 -29.78 5.13 6.23
N ALA B 317 -30.91 5.31 6.93
CA ALA B 317 -31.99 4.31 6.93
C ALA B 317 -32.53 4.13 5.51
N ALA B 318 -32.46 5.20 4.72
CA ALA B 318 -32.93 5.18 3.35
C ALA B 318 -31.91 4.50 2.43
N GLY B 319 -30.81 4.03 3.00
CA GLY B 319 -29.79 3.37 2.20
C GLY B 319 -28.80 4.30 1.50
N LEU B 320 -28.59 5.47 2.08
CA LEU B 320 -27.66 6.47 1.54
C LEU B 320 -26.59 6.71 2.61
N HIS B 321 -25.44 6.06 2.43
CA HIS B 321 -24.35 6.13 3.39
C HIS B 321 -23.30 7.19 3.17
N ALA B 322 -22.58 7.47 4.24
CA ALA B 322 -21.47 8.42 4.25
C ALA B 322 -21.68 9.84 3.79
N LEU B 323 -22.89 10.37 4.01
CA LEU B 323 -23.19 11.75 3.61
C LEU B 323 -22.62 12.87 4.48
N LYS B 324 -21.99 12.52 5.59
CA LYS B 324 -21.44 13.53 6.48
C LYS B 324 -20.31 14.31 5.85
N GLY B 325 -20.33 15.62 6.05
CA GLY B 325 -19.31 16.48 5.50
C GLY B 325 -18.00 16.21 6.22
N HIS B 326 -16.97 16.77 5.64
CA HIS B 326 -15.66 16.55 6.23
C HIS B 326 -15.64 17.11 7.64
N ARG B 327 -14.79 16.49 8.52
CA ARG B 327 -14.62 16.87 9.90
C ARG B 327 -14.37 18.36 10.20
N VAL B 328 -13.38 18.96 9.54
CA VAL B 328 -13.01 20.37 9.72
C VAL B 328 -13.99 21.40 9.13
N VAL B 329 -15.01 20.90 8.45
CA VAL B 329 -15.95 21.75 7.76
C VAL B 329 -17.40 21.55 8.20
N GLY B 330 -17.70 20.35 8.68
CA GLY B 330 -19.05 20.06 9.07
C GLY B 330 -19.92 19.95 7.83
N GLY B 331 -21.21 20.25 7.99
CA GLY B 331 -22.14 20.16 6.88
C GLY B 331 -22.24 18.75 6.33
N MET B 332 -22.61 18.67 5.05
CA MET B 332 -22.78 17.42 4.34
C MET B 332 -21.88 17.40 3.11
N ARG B 333 -21.72 16.21 2.52
CA ARG B 333 -20.91 16.06 1.33
C ARG B 333 -21.23 14.76 0.59
N ALA B 334 -21.70 14.90 -0.63
CA ALA B 334 -22.02 13.75 -1.45
C ALA B 334 -20.92 13.65 -2.46
N SER B 335 -20.23 12.51 -2.46
CA SER B 335 -19.16 12.26 -3.41
C SER B 335 -19.80 11.33 -4.43
N ILE B 336 -19.85 11.79 -5.67
CA ILE B 336 -20.47 11.05 -6.74
C ILE B 336 -19.50 10.69 -7.87
N TYR B 337 -18.56 9.81 -7.55
CA TYR B 337 -17.53 9.37 -8.49
C TYR B 337 -18.08 8.54 -9.65
N ASN B 338 -17.20 8.09 -10.55
CA ASN B 338 -17.60 7.30 -11.69
C ASN B 338 -18.47 6.12 -11.33
N ALA B 339 -18.12 5.45 -10.24
CA ALA B 339 -18.85 4.27 -9.78
C ALA B 339 -20.29 4.55 -9.36
N MET B 340 -20.56 5.77 -8.92
CA MET B 340 -21.90 6.19 -8.50
C MET B 340 -22.79 6.40 -9.72
N PRO B 341 -23.79 5.53 -9.90
CA PRO B 341 -24.72 5.62 -11.04
C PRO B 341 -25.69 6.81 -10.92
N LEU B 342 -26.10 7.35 -12.06
CA LEU B 342 -27.03 8.48 -12.08
C LEU B 342 -28.29 8.11 -11.30
N GLU B 343 -28.59 6.83 -11.36
CA GLU B 343 -29.73 6.28 -10.69
C GLU B 343 -29.57 6.54 -9.20
N GLY B 344 -28.32 6.54 -8.73
CA GLY B 344 -28.00 6.77 -7.34
C GLY B 344 -28.10 8.23 -6.95
N VAL B 345 -27.61 9.12 -7.81
CA VAL B 345 -27.69 10.57 -7.55
C VAL B 345 -29.18 10.97 -7.57
N LYS B 346 -30.00 10.17 -8.23
CA LYS B 346 -31.41 10.43 -8.29
C LYS B 346 -32.04 10.04 -6.97
N ALA B 347 -31.68 8.86 -6.46
CA ALA B 347 -32.20 8.36 -5.18
C ALA B 347 -31.91 9.35 -4.06
N LEU B 348 -30.77 10.02 -4.16
CA LEU B 348 -30.35 11.01 -3.19
C LEU B 348 -31.19 12.26 -3.34
N THR B 349 -31.33 12.76 -4.56
CA THR B 349 -32.12 13.96 -4.79
C THR B 349 -33.58 13.71 -4.44
N ASP B 350 -34.07 12.51 -4.68
CA ASP B 350 -35.45 12.18 -4.35
C ASP B 350 -35.61 12.30 -2.83
N PHE B 351 -34.63 11.78 -2.11
CA PHE B 351 -34.65 11.82 -0.65
C PHE B 351 -34.57 13.25 -0.13
N MET B 352 -33.64 14.04 -0.67
CA MET B 352 -33.45 15.41 -0.23
C MET B 352 -34.69 16.27 -0.36
N VAL B 353 -35.44 16.07 -1.43
CA VAL B 353 -36.66 16.83 -1.66
C VAL B 353 -37.65 16.42 -0.59
N GLU B 354 -37.77 15.12 -0.37
CA GLU B 354 -38.69 14.56 0.61
C GLU B 354 -38.37 14.98 2.07
N PHE B 355 -37.10 15.24 2.35
CA PHE B 355 -36.69 15.66 3.67
C PHE B 355 -37.08 17.12 3.85
N GLU B 356 -36.77 17.94 2.86
CA GLU B 356 -37.04 19.37 2.90
C GLU B 356 -38.51 19.62 3.07
N ARG B 357 -39.26 18.73 2.45
CA ARG B 357 -40.69 18.77 2.47
C ARG B 357 -41.22 18.55 3.89
N ARG B 358 -40.78 17.48 4.54
CA ARG B 358 -41.29 17.17 5.87
C ARG B 358 -40.47 17.54 7.09
N HIS B 359 -39.52 18.46 6.93
CA HIS B 359 -38.67 18.88 8.04
C HIS B 359 -38.23 20.30 7.77
N GLY B 360 -38.15 20.64 6.49
CA GLY B 360 -37.70 21.95 6.05
C GLY B 360 -38.64 23.11 6.28
N1 PLP C . 12.82 -8.13 3.86
C2 PLP C . 12.70 -9.48 3.74
C2A PLP C . 13.23 -10.41 4.78
C3 PLP C . 12.04 -9.97 2.60
O3 PLP C . 11.88 -11.28 2.44
C4 PLP C . 11.53 -9.08 1.63
C4A PLP C . 10.87 -9.62 0.39
C5 PLP C . 11.69 -7.69 1.83
C6 PLP C . 12.33 -7.25 2.95
C5A PLP C . 11.15 -6.71 0.78
O4P PLP C . 9.69 -6.76 0.83
P PLP C . 8.88 -5.75 -0.15
O1P PLP C . 9.35 -6.05 -1.55
O2P PLP C . 9.36 -4.32 0.24
O3P PLP C . 7.43 -5.90 0.19
CB2 GAM D . 9.14 -11.38 -1.44
CB GAM D . 11.38 -10.70 -2.41
CG GAM D . 10.90 -11.04 -3.81
CD GAM D . 11.47 -10.08 -4.84
OE2 GAM D . 12.18 -10.57 -5.76
OE1 GAM D . 11.20 -8.86 -4.71
C GAM D . 11.09 -13.01 -1.44
O GAM D . 10.40 -13.74 -2.20
OXT GAM D . 12.11 -13.39 -0.79
CA GAM D . 10.68 -11.51 -1.30
N GAM D . 11.11 -11.01 0.01
#